data_9IVW
#
_entry.id   9IVW
#
_entity_poly.entity_id   1
_entity_poly.type   'polypeptide(L)'
_entity_poly.pdbx_seq_one_letter_code
;MESVEKEDSLTAPFEFATTASTDAANAPTTFPVEAPPLEEEEVIIEQDPGFVSEDDEDRSVPTEDKKQDQDDAEANEEQV
GRGDQRHGDYLDVGDDVLLKHLQRQCAIICDALQERSDVPLAIADVSLAYERHLFSPRVPPKRQENGTCEPNPRLNFYPV
FAVPEVLATYHIFFQNCKIPLSCRANRSRADKQLALRQGAVIPDIASLDEVPKIFEGLGRDEKRAANALQQENSENESHC
GVLVELEGDNARLAVLKRSIEVTHFAYPALNLPPKVMSTVMSELIVRRARPLERDANLQEQTEEGLPAVGDEQLARWLET
REPADLEERRKLMMAAVLVTVELECMQRFFADPEMQRKLEETLHYTFRQGYVRQACKISNVELCNLVSYLGILHENRLGQ
NVLHSTLKGEARRDYVRDCVYLFLCYTWQTAMGVWQQCLEERNLKELQKLLKQNLKDLWTAFNERSVAAHLADIIFPERL
LKTLQQGLPDFTSQSMLQNFRNFILERSGILPATCCALPSDFVPIKYRECPPPLWGHCYLLQLANYLAYHSDIMEDVSGD
GLLECHCRCNLCTPHRSLVCNSQLLSESQIIGTFELQGPSPDEKSAAPGLKLTPGLWTSAYLRKFVPEDYHAHEIRFYED
QSRPPNAELTACVITQGHILGQLQAINKARQEFLLRKGRGVYLDPQSGEELNPIPPPPQPYQQPRALASQDGTQKEAAAA
AAATHGRGGILGQSGRGGFGRGGGDDGRLGQPRRSFRGRRGVRRNTVTLGRIPLAGAPEIGNRSQHRYNLRSSGAAGTAC
SPTQPGSLEVLFQGPRSMGWSHPQFEKGGGARGGSGGGSWSHPQFEKGF
;
_entity_poly.pdbx_strand_id   G,F
#
# COMPACT_ATOMS: atom_id res chain seq x y z
N PHE A 161 2.60 -10.42 13.72
CA PHE A 161 2.08 -9.44 12.78
C PHE A 161 3.08 -9.17 11.67
N ALA A 162 2.57 -8.94 10.46
CA ALA A 162 3.43 -8.63 9.33
C ALA A 162 4.29 -7.42 9.62
N VAL A 163 5.58 -7.52 9.31
CA VAL A 163 6.55 -6.48 9.62
C VAL A 163 6.25 -5.22 8.81
N PRO A 164 6.27 -5.29 7.47
CA PRO A 164 6.05 -4.09 6.65
C PRO A 164 4.57 -3.81 6.39
N GLU A 165 3.80 -3.62 7.46
CA GLU A 165 2.39 -3.30 7.35
C GLU A 165 2.03 -2.22 8.36
N VAL A 166 0.78 -1.78 8.38
CA VAL A 166 0.37 -0.72 9.31
C VAL A 166 -1.12 -0.85 9.60
N LEU A 167 -1.50 -0.73 10.87
CA LEU A 167 -2.90 -0.63 11.27
C LEU A 167 -2.96 0.18 12.57
N ALA A 168 -3.22 1.48 12.42
CA ALA A 168 -3.44 2.36 13.54
C ALA A 168 -4.94 2.65 13.65
N THR A 169 -5.31 3.57 14.54
CA THR A 169 -6.72 3.92 14.71
C THR A 169 -6.97 5.40 14.92
N TYR A 170 -5.95 6.25 14.86
CA TYR A 170 -6.12 7.68 15.09
C TYR A 170 -5.46 8.55 14.03
N HIS A 171 -4.87 7.97 12.99
CA HIS A 171 -4.18 8.72 11.95
C HIS A 171 -4.80 8.52 10.56
N ILE A 172 -5.95 7.85 10.47
CA ILE A 172 -6.55 7.55 9.18
C ILE A 172 -8.03 7.90 9.20
N PHE A 173 -8.36 9.09 8.73
CA PHE A 173 -9.75 9.45 8.45
C PHE A 173 -9.94 9.92 7.01
N PHE A 174 -9.03 10.74 6.50
CA PHE A 174 -8.90 10.98 5.07
C PHE A 174 -10.19 11.53 4.45
N GLN A 175 -10.50 12.77 4.85
CA GLN A 175 -11.54 13.53 4.18
C GLN A 175 -11.34 13.48 2.68
N ASN A 176 -12.43 13.24 1.94
CA ASN A 176 -12.39 13.12 0.49
C ASN A 176 -13.10 14.30 -0.14
N CYS A 177 -12.54 14.82 -1.23
CA CYS A 177 -13.11 15.97 -1.92
C CYS A 177 -12.67 15.95 -3.37
N LYS A 178 -13.39 16.68 -4.22
CA LYS A 178 -12.97 16.86 -5.60
C LYS A 178 -11.83 17.86 -5.65
N ILE A 179 -10.84 17.59 -6.50
CA ILE A 179 -9.64 18.41 -6.53
C ILE A 179 -10.04 19.81 -7.00
N PRO A 180 -9.76 20.85 -6.22
CA PRO A 180 -10.08 22.20 -6.70
C PRO A 180 -9.36 22.48 -8.02
N LEU A 181 -10.10 22.96 -9.03
CA LEU A 181 -9.52 23.27 -10.36
C LEU A 181 -8.42 24.29 -10.15
N SER A 182 -8.50 25.07 -9.09
CA SER A 182 -7.50 26.11 -8.76
C SER A 182 -6.35 25.56 -7.91
N CYS A 183 -6.19 24.24 -7.85
CA CYS A 183 -5.16 23.59 -6.99
C CYS A 183 -3.74 24.00 -7.39
N ARG A 184 -2.75 23.63 -6.60
CA ARG A 184 -1.35 24.05 -6.81
C ARG A 184 -0.80 23.67 -8.16
N ALA A 185 -1.16 22.54 -8.67
CA ALA A 185 -0.57 22.07 -9.91
C ALA A 185 -0.97 23.04 -11.00
N ASN A 186 -2.23 23.31 -11.09
CA ASN A 186 -2.78 24.14 -12.17
C ASN A 186 -2.24 25.57 -12.12
N ARG A 187 -1.62 26.01 -11.06
CA ARG A 187 -1.02 27.37 -11.05
C ARG A 187 0.44 27.18 -11.45
N SER A 188 0.83 27.46 -12.71
CA SER A 188 2.20 27.32 -13.21
C SER A 188 3.12 28.35 -12.55
N ARG A 189 2.65 29.59 -12.38
CA ARG A 189 3.46 30.64 -11.79
C ARG A 189 3.48 30.59 -10.27
N ALA A 190 3.04 29.48 -9.68
CA ALA A 190 2.98 29.39 -8.22
C ALA A 190 4.35 29.66 -7.58
N ASP A 191 5.43 29.29 -8.28
CA ASP A 191 6.76 29.43 -7.69
C ASP A 191 7.07 30.88 -7.37
N LYS A 192 6.73 31.80 -8.28
CA LYS A 192 7.02 33.21 -8.04
C LYS A 192 6.28 33.72 -6.80
N GLN A 193 5.00 33.37 -6.66
CA GLN A 193 4.26 33.76 -5.46
C GLN A 193 4.87 33.14 -4.21
N LEU A 194 5.32 31.89 -4.31
CA LEU A 194 5.92 31.22 -3.16
C LEU A 194 7.20 31.91 -2.70
N ALA A 195 7.80 32.74 -3.54
CA ALA A 195 9.01 33.45 -3.14
C ALA A 195 8.74 34.33 -1.94
N LEU A 196 9.67 34.29 -0.97
CA LEU A 196 9.55 35.08 0.24
C LEU A 196 10.89 35.76 0.52
N ARG A 197 10.83 36.91 1.18
CA ARG A 197 12.03 37.69 1.48
C ARG A 197 12.10 37.99 2.98
N GLN A 198 13.05 38.85 3.37
CA GLN A 198 13.22 39.16 4.78
C GLN A 198 11.96 39.80 5.36
N GLY A 199 11.35 40.73 4.64
CA GLY A 199 10.15 41.38 5.11
C GLY A 199 8.90 40.55 4.93
N ALA A 200 8.82 39.43 5.65
CA ALA A 200 7.67 38.52 5.56
C ALA A 200 7.23 38.16 6.96
N VAL A 201 5.93 38.23 7.21
CA VAL A 201 5.36 37.86 8.49
C VAL A 201 4.53 36.59 8.31
N ILE A 202 4.21 35.94 9.42
CA ILE A 202 3.51 34.66 9.39
C ILE A 202 2.16 34.84 8.70
N PRO A 203 1.68 33.85 7.95
CA PRO A 203 0.37 34.01 7.30
C PRO A 203 -0.74 34.22 8.31
N ASP A 204 -1.71 35.04 7.93
CA ASP A 204 -2.76 35.50 8.83
C ASP A 204 -4.05 34.75 8.56
N ILE A 205 -4.96 34.76 9.54
CA ILE A 205 -6.25 34.10 9.40
C ILE A 205 -7.10 34.87 8.40
N ALA A 206 -7.99 34.15 7.73
CA ALA A 206 -9.00 34.73 6.85
C ALA A 206 -10.35 34.10 7.16
N SER A 207 -11.38 34.92 7.19
CA SER A 207 -12.74 34.48 7.46
C SER A 207 -13.56 34.52 6.18
N LEU A 208 -14.73 33.86 6.24
CA LEU A 208 -15.58 33.80 5.06
C LEU A 208 -16.05 35.19 4.64
N ASP A 209 -16.46 36.04 5.60
CA ASP A 209 -16.88 37.43 5.26
C ASP A 209 -15.66 38.21 4.77
N GLU A 210 -14.47 37.98 5.32
CA GLU A 210 -13.31 38.78 4.93
C GLU A 210 -13.07 38.68 3.43
N VAL A 211 -13.09 37.47 2.88
CA VAL A 211 -12.97 37.28 1.43
C VAL A 211 -14.33 37.61 0.82
N PRO A 212 -14.37 38.31 -0.31
CA PRO A 212 -15.68 38.65 -0.90
C PRO A 212 -16.40 37.44 -1.46
N LYS A 213 -15.70 36.61 -2.24
CA LYS A 213 -16.30 35.43 -2.85
C LYS A 213 -15.20 34.47 -3.25
N ILE A 214 -15.60 33.24 -3.56
CA ILE A 214 -14.69 32.16 -3.94
C ILE A 214 -14.86 31.87 -5.42
N PHE A 215 -13.74 31.70 -6.12
CA PHE A 215 -13.75 31.33 -7.52
C PHE A 215 -12.81 30.14 -7.70
N GLU A 216 -13.35 29.04 -8.26
CA GLU A 216 -12.61 27.79 -8.37
C GLU A 216 -11.96 27.58 -9.73
N GLY A 217 -12.45 28.25 -10.77
CA GLY A 217 -11.93 28.01 -12.11
C GLY A 217 -10.46 28.36 -12.22
N LEU A 218 -9.85 27.86 -13.30
CA LEU A 218 -8.44 28.15 -13.55
C LEU A 218 -8.20 29.65 -13.68
N GLY A 219 -9.19 30.39 -14.18
CA GLY A 219 -9.09 31.84 -14.27
C GLY A 219 -8.25 32.28 -15.45
N ARG A 220 -8.09 33.60 -15.54
CA ARG A 220 -7.29 34.19 -16.61
C ARG A 220 -5.79 34.08 -16.26
N ASP A 221 -4.97 34.42 -17.25
CA ASP A 221 -3.52 34.39 -17.21
C ASP A 221 -2.97 32.97 -17.33
N GLU A 222 -3.82 31.94 -17.38
CA GLU A 222 -3.39 30.56 -17.57
C GLU A 222 -3.87 30.09 -18.93
N LYS A 223 -2.93 29.61 -19.75
CA LYS A 223 -3.21 29.18 -21.11
C LYS A 223 -3.00 27.68 -21.22
N ARG A 224 -4.01 26.97 -21.73
CA ARG A 224 -3.90 25.53 -21.88
C ARG A 224 -2.81 25.18 -22.89
N ALA A 225 -2.10 24.09 -22.61
CA ALA A 225 -1.04 23.63 -23.49
C ALA A 225 -1.64 23.12 -24.80
N ALA A 226 -0.84 23.22 -25.87
CA ALA A 226 -1.27 22.79 -27.20
C ALA A 226 -1.07 21.27 -27.35
N ASN A 227 -1.65 20.54 -26.40
CA ASN A 227 -1.57 19.08 -26.41
C ASN A 227 -2.93 18.45 -26.14
N VAL A 242 -10.43 18.52 -14.58
CA VAL A 242 -9.72 18.47 -13.31
C VAL A 242 -8.30 18.99 -13.46
N LEU A 243 -7.50 18.31 -14.28
CA LEU A 243 -6.12 18.69 -14.54
C LEU A 243 -5.97 19.04 -16.01
N VAL A 244 -5.45 20.24 -16.28
CA VAL A 244 -5.23 20.72 -17.64
C VAL A 244 -3.74 20.94 -17.84
N GLU A 245 -3.20 20.41 -18.93
CA GLU A 245 -1.78 20.57 -19.22
C GLU A 245 -1.47 22.05 -19.44
N LEU A 246 -0.33 22.50 -18.90
CA LEU A 246 0.07 23.89 -18.98
C LEU A 246 1.57 23.98 -19.16
N GLU A 247 2.02 25.12 -19.65
CA GLU A 247 3.44 25.39 -19.86
C GLU A 247 3.99 26.18 -18.67
N GLY A 248 5.29 26.42 -18.70
CA GLY A 248 5.93 27.13 -17.59
C GLY A 248 5.81 26.40 -16.27
N ASP A 249 5.96 25.08 -16.28
CA ASP A 249 5.85 24.28 -15.08
C ASP A 249 6.91 23.19 -15.10
N ASN A 250 7.26 22.71 -13.92
CA ASN A 250 8.29 21.69 -13.80
C ASN A 250 7.88 20.44 -14.58
N ALA A 251 8.87 19.80 -15.21
CA ALA A 251 8.59 18.60 -15.99
C ALA A 251 7.87 17.55 -15.15
N ARG A 252 8.15 17.51 -13.84
CA ARG A 252 7.42 16.61 -12.98
C ARG A 252 5.92 16.85 -13.09
N LEU A 253 5.51 18.11 -13.08
CA LEU A 253 4.10 18.43 -13.25
C LEU A 253 3.60 17.97 -14.62
N ALA A 254 4.42 18.15 -15.65
CA ALA A 254 3.99 17.76 -16.99
C ALA A 254 3.69 16.27 -17.07
N VAL A 255 4.64 15.44 -16.62
CA VAL A 255 4.42 13.99 -16.66
C VAL A 255 3.27 13.61 -15.74
N LEU A 256 3.20 14.22 -14.57
CA LEU A 256 2.10 13.96 -13.64
C LEU A 256 0.76 14.19 -14.32
N LYS A 257 0.64 15.31 -15.04
CA LYS A 257 -0.63 15.67 -15.64
C LYS A 257 -0.93 14.79 -16.84
N ARG A 258 0.11 14.40 -17.58
CA ARG A 258 -0.07 13.51 -18.72
C ARG A 258 -0.58 12.15 -18.28
N SER A 259 -0.10 11.64 -17.13
CA SER A 259 -0.44 10.28 -16.62
C SER A 259 -1.70 10.28 -15.74
N ILE A 260 -1.75 11.09 -14.67
CA ILE A 260 -2.87 11.10 -13.67
C ILE A 260 -3.84 12.24 -13.97
N GLU A 261 -5.15 12.00 -13.85
CA GLU A 261 -6.21 13.05 -13.97
C GLU A 261 -7.37 12.52 -13.14
N VAL A 262 -7.11 12.12 -11.89
CA VAL A 262 -8.12 11.54 -10.95
C VAL A 262 -9.16 12.63 -10.64
N THR A 263 -10.37 12.28 -10.15
CA THR A 263 -11.43 13.28 -9.91
C THR A 263 -11.61 13.46 -8.41
N HIS A 264 -10.80 12.79 -7.60
CA HIS A 264 -10.90 12.85 -6.13
C HIS A 264 -9.55 12.55 -5.48
N PHE A 265 -9.23 13.14 -4.32
CA PHE A 265 -8.02 12.91 -3.57
C PHE A 265 -8.37 12.78 -2.09
N ALA A 266 -7.62 11.91 -1.39
CA ALA A 266 -7.90 11.59 0.01
C ALA A 266 -7.01 12.45 0.90
N TYR A 267 -7.42 13.70 1.09
CA TYR A 267 -6.65 14.61 1.91
C TYR A 267 -6.65 14.11 3.36
N PRO A 268 -5.58 14.37 4.11
CA PRO A 268 -5.63 14.07 5.54
C PRO A 268 -6.72 14.88 6.23
N ALA A 269 -7.33 14.29 7.25
CA ALA A 269 -8.39 14.97 7.98
C ALA A 269 -7.80 15.86 9.05
N LEU A 270 -8.22 17.13 9.08
CA LEU A 270 -7.79 18.08 10.11
C LEU A 270 -8.96 18.64 10.90
N ASN A 271 -10.14 18.04 10.78
CA ASN A 271 -11.30 18.53 11.50
C ASN A 271 -11.12 18.32 13.00
N LEU A 272 -11.89 19.08 13.77
CA LEU A 272 -11.94 18.85 15.21
C LEU A 272 -12.66 17.54 15.49
N PRO A 273 -12.46 16.98 16.68
CA PRO A 273 -12.97 15.64 16.96
C PRO A 273 -14.48 15.59 16.77
N PRO A 274 -15.02 14.44 16.38
CA PRO A 274 -16.47 14.38 16.13
C PRO A 274 -17.28 14.70 17.36
N LYS A 275 -16.83 14.32 18.56
CA LYS A 275 -17.64 14.53 19.76
C LYS A 275 -17.81 16.01 20.06
N VAL A 276 -16.71 16.76 20.11
CA VAL A 276 -16.81 18.17 20.45
C VAL A 276 -17.57 18.93 19.39
N MET A 277 -17.31 18.62 18.12
CA MET A 277 -18.01 19.30 17.04
C MET A 277 -19.50 19.00 17.09
N SER A 278 -19.86 17.75 17.36
CA SER A 278 -21.27 17.37 17.44
C SER A 278 -21.96 18.08 18.59
N THR A 279 -21.31 18.13 19.75
CA THR A 279 -21.91 18.85 20.87
C THR A 279 -22.08 20.33 20.55
N VAL A 280 -21.06 20.93 19.94
CA VAL A 280 -21.15 22.36 19.60
C VAL A 280 -22.33 22.59 18.67
N MET A 281 -22.45 21.77 17.63
CA MET A 281 -23.54 21.95 16.67
C MET A 281 -24.90 21.73 17.33
N SER A 282 -25.02 20.68 18.15
CA SER A 282 -26.30 20.39 18.77
C SER A 282 -26.73 21.49 19.72
N GLU A 283 -25.81 22.00 20.53
CA GLU A 283 -26.15 23.05 21.48
C GLU A 283 -26.37 24.39 20.79
N LEU A 284 -25.70 24.65 19.68
CA LEU A 284 -25.66 25.98 19.10
C LEU A 284 -26.51 26.13 17.84
N ILE A 285 -26.39 25.22 16.88
CA ILE A 285 -27.02 25.36 15.58
C ILE A 285 -28.34 24.59 15.52
N VAL A 286 -28.27 23.26 15.60
CA VAL A 286 -29.48 22.44 15.51
C VAL A 286 -29.19 21.05 16.06
N ARG A 287 -30.18 20.45 16.71
CA ARG A 287 -30.03 19.10 17.24
C ARG A 287 -30.13 18.07 16.13
N ARG A 288 -29.35 17.01 16.25
CA ARG A 288 -29.37 15.95 15.26
C ARG A 288 -30.65 15.14 15.39
N ALA A 289 -31.33 14.94 14.26
CA ALA A 289 -32.63 14.29 14.23
C ALA A 289 -32.44 12.78 14.07
N ARG A 290 -32.69 12.03 15.15
CA ARG A 290 -32.60 10.58 15.08
C ARG A 290 -33.77 10.01 14.28
N PRO A 291 -33.66 8.76 13.84
CA PRO A 291 -34.73 8.17 13.02
C PRO A 291 -36.05 8.11 13.79
N LEU A 292 -37.14 8.27 13.06
CA LEU A 292 -38.45 8.14 13.66
C LEU A 292 -38.77 6.66 13.88
N GLU A 293 -38.86 6.29 15.15
CA GLU A 293 -39.26 4.95 15.54
C GLU A 293 -40.76 4.86 15.33
N ARG A 294 -41.23 3.75 14.75
CA ARG A 294 -42.65 3.65 14.31
C ARG A 294 -43.71 3.42 15.39
N ASP A 295 -44.12 4.47 16.13
CA ASP A 295 -45.26 4.32 17.02
C ASP A 295 -46.35 5.34 16.78
N ALA A 296 -46.06 6.46 16.13
CA ALA A 296 -47.05 7.48 15.81
C ALA A 296 -46.51 8.32 14.67
N ASN A 297 -47.37 9.18 14.12
CA ASN A 297 -46.99 10.04 13.00
C ASN A 297 -47.92 11.23 12.94
N LEU A 298 -47.55 12.19 12.10
CA LEU A 298 -48.29 13.42 11.83
C LEU A 298 -48.32 14.37 13.02
N GLN A 299 -47.60 14.01 14.09
CA GLN A 299 -47.48 14.94 15.25
C GLN A 299 -46.28 15.85 14.98
N GLU A 300 -46.51 17.14 14.86
CA GLU A 300 -45.43 18.07 14.55
C GLU A 300 -44.76 18.52 15.85
N GLN A 301 -43.99 17.59 16.42
CA GLN A 301 -43.19 17.88 17.61
C GLN A 301 -41.86 18.49 17.18
N THR A 302 -41.96 19.68 16.58
CA THR A 302 -40.78 20.35 16.03
C THR A 302 -39.77 20.71 17.11
N GLU A 303 -40.19 20.80 18.37
CA GLU A 303 -39.28 21.20 19.44
C GLU A 303 -38.03 20.33 19.44
N GLU A 304 -38.19 19.03 19.18
CA GLU A 304 -37.03 18.15 19.10
C GLU A 304 -36.12 18.53 17.95
N GLY A 305 -36.69 18.84 16.79
CA GLY A 305 -35.92 19.18 15.61
C GLY A 305 -35.88 20.67 15.32
N LEU A 306 -36.46 21.47 16.20
CA LEU A 306 -36.45 22.91 16.00
C LEU A 306 -35.03 23.46 16.15
N PRO A 307 -34.68 24.50 15.40
CA PRO A 307 -33.37 25.12 15.58
C PRO A 307 -33.19 25.62 17.01
N ALA A 308 -31.95 25.56 17.50
CA ALA A 308 -31.69 25.90 18.90
C ALA A 308 -32.22 27.28 19.25
N VAL A 309 -32.15 28.22 18.31
CA VAL A 309 -32.65 29.58 18.52
C VAL A 309 -33.72 29.86 17.48
N GLY A 310 -34.90 30.27 17.95
CA GLY A 310 -36.01 30.53 17.06
C GLY A 310 -35.94 31.90 16.41
N ASP A 311 -36.89 32.13 15.51
CA ASP A 311 -36.93 33.40 14.78
C ASP A 311 -37.20 34.58 15.71
N GLU A 312 -38.15 34.41 16.63
CA GLU A 312 -38.50 35.52 17.53
C GLU A 312 -37.33 35.91 18.40
N GLN A 313 -36.64 34.92 18.99
CA GLN A 313 -35.50 35.21 19.84
C GLN A 313 -34.40 35.88 19.05
N LEU A 314 -34.13 35.39 17.84
CA LEU A 314 -33.09 35.99 17.01
C LEU A 314 -33.43 37.43 16.68
N ALA A 315 -34.68 37.71 16.33
CA ALA A 315 -35.09 39.08 16.05
C ALA A 315 -34.94 39.95 17.28
N ARG A 316 -35.30 39.44 18.45
CA ARG A 316 -35.11 40.19 19.68
C ARG A 316 -33.64 40.54 19.88
N TRP A 317 -32.75 39.55 19.77
CA TRP A 317 -31.33 39.81 19.97
C TRP A 317 -30.78 40.74 18.88
N LEU A 318 -31.23 40.55 17.64
CA LEU A 318 -30.72 41.37 16.54
C LEU A 318 -31.48 42.69 16.41
N GLU A 319 -32.56 42.89 17.16
CA GLU A 319 -33.34 44.13 17.11
C GLU A 319 -33.67 44.52 15.67
N THR A 320 -34.26 43.58 14.95
CA THR A 320 -34.67 43.83 13.57
C THR A 320 -35.58 42.71 13.12
N ARG A 321 -36.64 43.06 12.39
CA ARG A 321 -37.55 42.08 11.81
C ARG A 321 -37.14 41.65 10.41
N GLU A 322 -36.14 42.30 9.81
CA GLU A 322 -35.69 41.98 8.47
C GLU A 322 -35.29 40.50 8.38
N PRO A 323 -36.07 39.66 7.69
CA PRO A 323 -35.67 38.24 7.59
C PRO A 323 -34.32 38.05 6.91
N ALA A 324 -33.93 38.95 6.02
CA ALA A 324 -32.64 38.83 5.36
C ALA A 324 -31.51 38.89 6.37
N ASP A 325 -31.60 39.82 7.33
CA ASP A 325 -30.56 39.91 8.35
C ASP A 325 -30.51 38.65 9.20
N LEU A 326 -31.66 38.11 9.57
CA LEU A 326 -31.69 36.88 10.37
C LEU A 326 -31.00 35.75 9.59
N GLU A 327 -31.37 35.57 8.33
CA GLU A 327 -30.80 34.48 7.54
C GLU A 327 -29.31 34.68 7.33
N GLU A 328 -28.87 35.92 7.08
CA GLU A 328 -27.46 36.16 6.83
C GLU A 328 -26.64 35.90 8.09
N ARG A 329 -27.15 36.31 9.26
CA ARG A 329 -26.44 36.01 10.50
C ARG A 329 -26.38 34.52 10.77
N ARG A 330 -27.49 33.81 10.53
CA ARG A 330 -27.51 32.37 10.71
C ARG A 330 -26.45 31.70 9.84
N LYS A 331 -26.45 32.01 8.54
CA LYS A 331 -25.45 31.43 7.64
C LYS A 331 -24.04 31.85 8.04
N LEU A 332 -23.89 33.09 8.51
CA LEU A 332 -22.58 33.59 8.88
C LEU A 332 -21.99 32.72 9.97
N MET A 333 -22.73 32.49 11.06
CA MET A 333 -22.10 31.70 12.11
C MET A 333 -22.13 30.21 11.80
N MET A 334 -22.99 29.77 10.89
CA MET A 334 -22.90 28.37 10.46
C MET A 334 -21.56 28.14 9.77
N ALA A 335 -21.21 29.01 8.82
CA ALA A 335 -19.89 28.94 8.22
C ALA A 335 -18.81 29.10 9.28
N ALA A 336 -19.04 29.98 10.25
CA ALA A 336 -18.06 30.19 11.31
C ALA A 336 -17.78 28.89 12.05
N VAL A 337 -18.82 28.25 12.57
CA VAL A 337 -18.63 27.04 13.35
C VAL A 337 -18.18 25.89 12.47
N LEU A 338 -18.34 26.00 11.16
CA LEU A 338 -17.90 24.91 10.29
C LEU A 338 -16.43 25.01 9.91
N VAL A 339 -15.88 26.22 9.74
CA VAL A 339 -14.50 26.35 9.28
C VAL A 339 -13.65 27.20 10.23
N THR A 340 -14.09 28.38 10.63
CA THR A 340 -13.20 29.34 11.28
C THR A 340 -12.78 28.85 12.64
N VAL A 341 -13.66 28.23 13.39
CA VAL A 341 -13.31 27.87 14.78
C VAL A 341 -12.16 26.90 14.64
N GLU A 342 -12.20 26.10 13.60
CA GLU A 342 -11.17 25.07 13.41
C GLU A 342 -9.88 25.79 13.10
N LEU A 343 -9.95 26.79 12.24
CA LEU A 343 -8.76 27.55 11.84
C LEU A 343 -8.20 28.30 13.04
N GLU A 344 -9.07 28.84 13.88
CA GLU A 344 -8.66 29.67 15.04
C GLU A 344 -7.84 28.79 15.95
N CYS A 345 -8.29 27.60 16.20
CA CYS A 345 -7.54 26.80 17.14
C CYS A 345 -6.17 26.76 16.57
N MET A 346 -6.10 26.58 15.28
CA MET A 346 -4.80 26.29 14.68
C MET A 346 -3.90 27.49 14.84
N GLN A 347 -4.43 28.68 14.69
CA GLN A 347 -3.58 29.87 14.76
C GLN A 347 -2.89 29.74 16.07
N ARG A 348 -3.67 29.72 17.10
CA ARG A 348 -3.11 29.63 18.45
C ARG A 348 -2.08 28.51 18.47
N PHE A 349 -2.45 27.27 18.21
CA PHE A 349 -1.56 26.12 18.39
C PHE A 349 -0.27 26.15 17.59
N PHE A 350 -0.20 26.80 16.44
CA PHE A 350 1.03 26.75 15.65
C PHE A 350 1.75 28.09 15.75
N ALA A 351 1.14 29.15 16.25
CA ALA A 351 1.72 30.51 16.26
C ALA A 351 2.63 30.79 17.45
N ASP A 352 2.47 30.05 18.51
CA ASP A 352 3.30 30.26 19.69
C ASP A 352 4.77 30.35 19.32
N PRO A 353 5.50 31.39 19.75
CA PRO A 353 6.93 31.43 19.43
C PRO A 353 7.72 30.24 19.97
N GLU A 354 7.37 29.72 21.14
CA GLU A 354 8.10 28.57 21.65
C GLU A 354 7.89 27.35 20.76
N MET A 355 6.65 27.14 20.33
CA MET A 355 6.38 26.09 19.36
C MET A 355 7.11 26.36 18.06
N GLN A 356 7.25 27.63 17.68
CA GLN A 356 8.00 27.97 16.48
C GLN A 356 9.46 27.56 16.60
N ARG A 357 10.06 27.82 17.76
CA ARG A 357 11.44 27.38 18.00
C ARG A 357 11.53 25.86 17.93
N LYS A 358 10.58 25.17 18.54
CA LYS A 358 10.62 23.70 18.51
C LYS A 358 10.45 23.17 17.10
N LEU A 359 9.60 23.81 16.28
CA LEU A 359 9.44 23.37 14.91
C LEU A 359 10.72 23.55 14.13
N GLU A 360 11.38 24.70 14.28
CA GLU A 360 12.68 24.89 13.64
C GLU A 360 13.65 23.79 14.06
N GLU A 361 13.67 23.48 15.36
CA GLU A 361 14.63 22.50 15.85
C GLU A 361 14.37 21.12 15.26
N THR A 362 13.10 20.71 15.21
CA THR A 362 12.80 19.39 14.65
C THR A 362 13.14 19.34 13.17
N LEU A 363 12.89 20.43 12.44
CA LEU A 363 13.28 20.43 11.03
C LEU A 363 14.79 20.28 10.89
N HIS A 364 15.55 21.00 11.70
CA HIS A 364 17.00 20.87 11.66
C HIS A 364 17.42 19.44 11.96
N TYR A 365 16.77 18.80 12.94
CA TYR A 365 17.12 17.43 13.30
C TYR A 365 16.80 16.47 12.16
N THR A 366 15.64 16.63 11.52
CA THR A 366 15.25 15.69 10.48
C THR A 366 16.03 15.90 9.18
N PHE A 367 16.55 17.10 8.94
CA PHE A 367 17.35 17.36 7.75
C PHE A 367 18.84 17.43 8.03
N ARG A 368 19.25 17.29 9.29
CA ARG A 368 20.67 17.21 9.66
C ARG A 368 21.46 18.34 9.02
N GLN A 369 21.12 19.56 9.42
CA GLN A 369 21.72 20.77 8.84
C GLN A 369 22.39 21.59 9.94
N GLY A 370 23.64 21.97 9.70
CA GLY A 370 24.30 22.94 10.56
C GLY A 370 24.46 22.44 11.98
N TYR A 371 23.65 22.99 12.88
CA TYR A 371 23.79 22.71 14.31
C TYR A 371 23.76 21.21 14.58
N VAL A 372 22.85 20.49 13.93
CA VAL A 372 22.76 19.06 14.14
C VAL A 372 24.01 18.36 13.62
N ARG A 373 24.54 18.83 12.49
CA ARG A 373 25.77 18.25 11.95
C ARG A 373 26.92 18.41 12.94
N GLN A 374 27.07 19.60 13.52
CA GLN A 374 28.15 19.80 14.47
C GLN A 374 27.92 19.02 15.76
N ALA A 375 26.66 18.85 16.16
CA ALA A 375 26.36 18.00 17.32
C ALA A 375 26.77 16.56 17.06
N CYS A 376 26.47 16.05 15.85
CA CYS A 376 26.89 14.70 15.50
C CYS A 376 28.41 14.60 15.48
N LYS A 377 29.09 15.61 14.94
CA LYS A 377 30.55 15.59 14.92
C LYS A 377 31.11 15.56 16.34
N ILE A 378 30.57 16.38 17.24
CA ILE A 378 31.07 16.43 18.61
C ILE A 378 30.82 15.10 19.31
N SER A 379 29.61 14.55 19.17
CA SER A 379 29.27 13.29 19.81
C SER A 379 29.71 12.07 19.03
N ASN A 380 30.13 12.24 17.77
CA ASN A 380 30.55 11.14 16.92
C ASN A 380 29.43 10.13 16.68
N VAL A 381 28.18 10.54 16.91
CA VAL A 381 27.02 9.67 16.73
C VAL A 381 26.01 10.42 15.87
N GLU A 382 25.65 9.83 14.74
CA GLU A 382 24.61 10.42 13.89
C GLU A 382 23.27 10.35 14.60
N LEU A 383 22.50 11.44 14.50
CA LEU A 383 21.21 11.55 15.16
C LEU A 383 20.06 11.06 14.29
N CYS A 384 20.35 10.49 13.12
CA CYS A 384 19.29 9.99 12.26
C CYS A 384 18.48 8.90 12.93
N ASN A 385 19.02 8.25 13.95
CA ASN A 385 18.32 7.19 14.67
C ASN A 385 17.47 7.71 15.82
N LEU A 386 17.40 9.03 16.01
CA LEU A 386 16.62 9.62 17.08
C LEU A 386 15.20 9.87 16.60
N VAL A 387 14.24 9.13 17.18
CA VAL A 387 12.83 9.27 16.85
C VAL A 387 12.03 9.20 18.14
N SER A 388 10.97 10.02 18.20
CA SER A 388 10.15 10.10 19.40
C SER A 388 8.68 10.02 19.00
N TYR A 389 7.86 9.59 19.96
CA TYR A 389 6.41 9.50 19.75
C TYR A 389 5.74 9.64 21.12
N LEU A 390 5.17 10.82 21.38
CA LEU A 390 4.59 11.14 22.68
C LEU A 390 5.64 11.09 23.79
N GLY A 391 6.91 11.30 23.42
CA GLY A 391 8.00 11.27 24.37
C GLY A 391 8.55 9.90 24.67
N ILE A 392 7.95 8.84 24.14
CA ILE A 392 8.44 7.48 24.34
C ILE A 392 9.28 7.17 23.10
N LEU A 393 10.57 7.44 23.20
CA LEU A 393 11.47 7.25 22.08
C LEU A 393 11.62 5.77 21.76
N HIS A 394 11.65 5.44 20.47
CA HIS A 394 11.80 4.06 20.03
C HIS A 394 13.20 3.73 19.55
N GLU A 395 14.02 4.75 19.28
CA GLU A 395 15.43 4.55 18.91
C GLU A 395 15.57 3.65 17.69
N ASN A 396 14.75 3.94 16.68
CA ASN A 396 14.84 3.24 15.41
C ASN A 396 16.15 3.59 14.72
N ARG A 397 16.72 2.61 14.01
CA ARG A 397 18.03 2.77 13.40
C ARG A 397 18.02 2.80 11.87
N LEU A 398 16.99 2.24 11.23
CA LEU A 398 16.93 2.19 9.77
C LEU A 398 16.36 3.51 9.26
N GLY A 399 17.27 4.48 9.09
CA GLY A 399 16.89 5.78 8.59
C GLY A 399 18.08 6.47 7.95
N GLN A 400 17.82 7.22 6.88
CA GLN A 400 18.85 7.99 6.20
C GLN A 400 18.22 9.27 5.68
N ASN A 401 18.80 10.41 6.08
CA ASN A 401 18.26 11.73 5.75
C ASN A 401 19.34 12.60 5.15
N VAL A 402 20.07 12.06 4.17
CA VAL A 402 21.10 12.81 3.44
C VAL A 402 20.91 12.76 1.94
N LEU A 403 19.89 12.05 1.45
CA LEU A 403 19.70 11.93 0.01
C LEU A 403 19.20 13.24 -0.61
N HIS A 404 18.39 13.99 0.13
CA HIS A 404 17.76 15.18 -0.43
C HIS A 404 18.80 16.19 -0.93
N SER A 405 20.01 16.15 -0.37
CA SER A 405 21.04 17.11 -0.77
C SER A 405 21.43 16.95 -2.23
N THR A 406 21.23 15.77 -2.82
CA THR A 406 21.67 15.52 -4.18
C THR A 406 20.95 16.42 -5.17
N LEU A 407 19.65 16.60 -4.99
CA LEU A 407 18.83 17.36 -5.93
C LEU A 407 18.85 18.84 -5.58
N LYS A 408 18.66 19.67 -6.61
CA LYS A 408 18.68 21.11 -6.47
C LYS A 408 17.72 21.72 -7.48
N GLY A 409 17.25 22.92 -7.17
CA GLY A 409 16.36 23.66 -8.04
C GLY A 409 14.96 23.72 -7.48
N GLU A 410 14.03 24.12 -8.36
CA GLU A 410 12.63 24.20 -7.96
C GLU A 410 12.11 22.86 -7.47
N ALA A 411 12.66 21.75 -8.00
CA ALA A 411 12.26 20.43 -7.51
C ALA A 411 12.62 20.26 -6.04
N ARG A 412 13.81 20.71 -5.65
CA ARG A 412 14.20 20.63 -4.24
C ARG A 412 13.25 21.45 -3.36
N ARG A 413 12.92 22.66 -3.80
CA ARG A 413 12.02 23.51 -3.02
C ARG A 413 10.66 22.83 -2.87
N ASP A 414 10.14 22.27 -3.96
CA ASP A 414 8.85 21.61 -3.90
C ASP A 414 8.89 20.42 -2.95
N TYR A 415 9.94 19.61 -3.03
CA TYR A 415 10.01 18.43 -2.18
C TYR A 415 10.10 18.80 -0.71
N VAL A 416 10.94 19.79 -0.39
CA VAL A 416 11.09 20.21 1.00
C VAL A 416 9.77 20.78 1.51
N ARG A 417 9.15 21.60 0.66
CA ARG A 417 7.89 22.28 1.04
C ARG A 417 6.86 21.23 1.32
N ASP A 418 6.95 20.11 0.64
CA ASP A 418 6.01 19.02 0.91
C ASP A 418 6.45 18.39 2.20
N CYS A 419 7.70 18.02 2.32
CA CYS A 419 8.15 17.28 3.49
C CYS A 419 7.61 17.98 4.71
N VAL A 420 7.69 19.28 4.76
CA VAL A 420 7.31 20.05 5.95
C VAL A 420 5.80 20.09 6.10
N TYR A 421 5.07 20.17 4.98
CA TYR A 421 3.62 20.20 5.05
C TYR A 421 3.07 18.91 5.63
N LEU A 422 3.61 17.77 5.18
CA LEU A 422 3.16 16.49 5.72
C LEU A 422 3.53 16.35 7.19
N PHE A 423 4.71 16.82 7.57
CA PHE A 423 5.10 16.77 8.98
C PHE A 423 4.14 17.56 9.84
N LEU A 424 3.75 18.76 9.39
CA LEU A 424 2.79 19.56 10.13
C LEU A 424 1.44 18.87 10.20
N CYS A 425 1.01 18.25 9.10
CA CYS A 425 -0.25 17.52 9.11
C CYS A 425 -0.22 16.41 10.15
N TYR A 426 0.87 15.65 10.19
CA TYR A 426 1.01 14.57 11.16
C TYR A 426 0.97 15.13 12.59
N THR A 427 1.65 16.26 12.81
CA THR A 427 1.66 16.84 14.15
C THR A 427 0.26 17.23 14.60
N TRP A 428 -0.48 17.92 13.74
CA TRP A 428 -1.84 18.30 14.12
C TRP A 428 -2.72 17.08 14.31
N GLN A 429 -2.54 16.06 13.46
CA GLN A 429 -3.38 14.86 13.59
C GLN A 429 -3.13 14.17 14.92
N THR A 430 -1.87 14.02 15.32
CA THR A 430 -1.59 13.36 16.59
C THR A 430 -2.05 14.21 17.76
N ALA A 431 -1.91 15.53 17.66
CA ALA A 431 -2.47 16.39 18.71
C ALA A 431 -3.98 16.18 18.84
N MET A 432 -4.71 16.13 17.72
CA MET A 432 -6.19 15.99 17.74
C MET A 432 -6.56 14.58 18.17
N GLY A 433 -5.66 13.60 18.00
CA GLY A 433 -5.91 12.28 18.56
C GLY A 433 -5.79 12.26 20.07
N VAL A 434 -4.73 12.86 20.59
CA VAL A 434 -4.56 12.88 22.04
C VAL A 434 -5.68 13.66 22.69
N TRP A 435 -6.17 14.71 22.03
CA TRP A 435 -7.36 15.39 22.55
C TRP A 435 -8.55 14.42 22.58
N GLN A 436 -8.87 13.81 21.45
CA GLN A 436 -10.04 12.94 21.39
C GLN A 436 -9.98 11.82 22.41
N GLN A 437 -8.77 11.36 22.74
CA GLN A 437 -8.67 10.30 23.75
C GLN A 437 -9.16 10.79 25.10
N CYS A 438 -8.82 12.02 25.48
CA CYS A 438 -9.10 12.53 26.82
C CYS A 438 -10.36 13.39 26.82
N LEU A 439 -11.51 12.72 26.71
CA LEU A 439 -12.81 13.32 26.97
C LEU A 439 -13.63 12.40 27.87
N GLU A 440 -14.48 13.00 28.70
CA GLU A 440 -15.38 12.26 29.57
C GLU A 440 -16.71 12.98 29.62
N GLU A 441 -17.76 12.23 30.00
CA GLU A 441 -19.09 12.81 30.05
C GLU A 441 -19.14 14.03 30.96
N ARG A 442 -18.26 14.10 31.96
CA ARG A 442 -18.17 15.30 32.77
C ARG A 442 -17.81 16.51 31.91
N ASN A 443 -16.83 16.35 31.02
CA ASN A 443 -16.48 17.42 30.09
C ASN A 443 -17.64 17.71 29.16
N LEU A 444 -18.38 16.68 28.75
CA LEU A 444 -19.55 16.88 27.90
C LEU A 444 -20.54 17.81 28.58
N LYS A 445 -20.89 17.52 29.83
CA LYS A 445 -21.85 18.36 30.55
C LYS A 445 -21.29 19.75 30.80
N GLU A 446 -19.99 19.85 31.07
CA GLU A 446 -19.36 21.15 31.26
C GLU A 446 -19.53 22.01 30.01
N LEU A 447 -19.22 21.44 28.85
CA LEU A 447 -19.38 22.18 27.60
C LEU A 447 -20.82 22.54 27.36
N GLN A 448 -21.74 21.62 27.65
CA GLN A 448 -23.16 21.91 27.47
C GLN A 448 -23.57 23.11 28.32
N LYS A 449 -23.17 23.11 29.59
CA LYS A 449 -23.52 24.22 30.47
C LYS A 449 -22.92 25.53 29.96
N LEU A 450 -21.65 25.51 29.57
CA LEU A 450 -21.01 26.73 29.09
C LEU A 450 -21.73 27.26 27.86
N LEU A 451 -22.11 26.36 26.95
CA LEU A 451 -22.76 26.79 25.68
C LEU A 451 -24.11 27.42 25.99
N LYS A 452 -24.92 26.77 26.84
CA LYS A 452 -26.28 27.27 27.13
C LYS A 452 -26.20 28.60 27.89
N GLN A 453 -25.27 28.73 28.83
CA GLN A 453 -25.17 29.96 29.65
C GLN A 453 -24.66 31.13 28.81
N ASN A 454 -23.82 30.87 27.81
CA ASN A 454 -23.21 31.98 27.04
C ASN A 454 -23.88 32.15 25.68
N LEU A 455 -24.89 31.34 25.34
CA LEU A 455 -25.54 31.38 23.99
C LEU A 455 -25.64 32.80 23.43
N LYS A 456 -26.16 33.74 24.20
CA LYS A 456 -26.35 35.14 23.73
C LYS A 456 -25.03 35.75 23.25
N ASP A 457 -23.98 35.76 24.08
CA ASP A 457 -22.72 36.44 23.69
C ASP A 457 -22.12 35.83 22.42
N LEU A 458 -22.42 34.57 22.11
CA LEU A 458 -21.93 34.03 20.85
C LEU A 458 -22.83 34.44 19.69
N TRP A 459 -24.15 34.36 19.88
CA TRP A 459 -25.07 34.70 18.81
C TRP A 459 -24.95 36.16 18.39
N THR A 460 -24.71 37.06 19.34
CA THR A 460 -24.52 38.48 19.03
C THR A 460 -23.03 38.78 18.99
N ALA A 461 -22.52 39.08 17.80
CA ALA A 461 -21.11 39.41 17.65
C ALA A 461 -20.94 40.36 16.47
N PHE A 462 -19.85 41.11 16.50
CA PHE A 462 -19.58 42.07 15.43
C PHE A 462 -19.17 41.37 14.14
N ASN A 463 -18.28 40.39 14.23
CA ASN A 463 -17.75 39.74 13.04
C ASN A 463 -17.34 38.32 13.40
N GLU A 464 -16.93 37.55 12.36
CA GLU A 464 -16.58 36.10 12.48
C GLU A 464 -15.30 35.87 13.28
N ARG A 465 -14.39 36.84 13.40
CA ARG A 465 -13.20 36.66 14.23
C ARG A 465 -13.56 36.65 15.70
N SER A 466 -14.45 37.56 16.12
CA SER A 466 -14.83 37.64 17.53
C SER A 466 -15.50 36.34 18.00
N VAL A 467 -16.50 35.87 17.25
CA VAL A 467 -17.20 34.66 17.65
C VAL A 467 -16.25 33.47 17.63
N ALA A 468 -15.39 33.39 16.62
CA ALA A 468 -14.43 32.30 16.57
C ALA A 468 -13.53 32.31 17.80
N ALA A 469 -13.01 33.48 18.17
CA ALA A 469 -12.15 33.56 19.34
C ALA A 469 -12.90 33.14 20.59
N HIS A 470 -14.12 33.64 20.76
CA HIS A 470 -14.90 33.31 21.96
C HIS A 470 -15.14 31.81 22.04
N LEU A 471 -15.56 31.20 20.94
CA LEU A 471 -15.77 29.76 20.94
C LEU A 471 -14.47 29.04 21.27
N ALA A 472 -13.35 29.49 20.70
CA ALA A 472 -12.08 28.86 21.00
C ALA A 472 -11.80 28.88 22.49
N ASP A 473 -12.01 30.02 23.14
CA ASP A 473 -11.81 30.08 24.58
C ASP A 473 -12.75 29.12 25.30
N ILE A 474 -13.99 29.01 24.82
CA ILE A 474 -14.94 28.10 25.47
C ILE A 474 -14.43 26.67 25.42
N ILE A 475 -13.96 26.22 24.25
CA ILE A 475 -13.55 24.83 24.08
C ILE A 475 -12.04 24.66 24.00
N PHE A 476 -11.26 25.74 23.98
CA PHE A 476 -9.81 25.67 23.93
C PHE A 476 -9.25 26.58 25.01
N PRO A 477 -9.37 26.20 26.27
CA PRO A 477 -8.75 26.99 27.34
C PRO A 477 -7.24 26.92 27.25
N GLU A 478 -6.60 28.02 27.67
CA GLU A 478 -5.14 28.09 27.58
C GLU A 478 -4.50 26.91 28.29
N ARG A 479 -5.11 26.41 29.36
CA ARG A 479 -4.55 25.25 30.06
C ARG A 479 -4.54 24.03 29.16
N LEU A 480 -5.63 23.80 28.43
CA LEU A 480 -5.69 22.64 27.53
C LEU A 480 -4.64 22.76 26.44
N LEU A 481 -4.59 23.90 25.76
CA LEU A 481 -3.55 24.12 24.76
C LEU A 481 -2.18 23.81 25.36
N LYS A 482 -1.90 24.36 26.54
CA LYS A 482 -0.61 24.16 27.17
C LYS A 482 -0.31 22.68 27.33
N THR A 483 -1.25 21.92 27.90
CA THR A 483 -0.96 20.51 28.17
C THR A 483 -0.74 19.75 26.87
N LEU A 484 -1.40 20.17 25.78
CA LEU A 484 -1.17 19.50 24.51
C LEU A 484 0.21 19.83 23.94
N GLN A 485 0.60 21.11 23.96
CA GLN A 485 1.83 21.50 23.27
C GLN A 485 3.03 20.70 23.77
N GLN A 486 3.11 20.47 25.08
CA GLN A 486 4.23 19.73 25.61
C GLN A 486 4.31 18.35 24.96
N GLY A 487 5.50 18.00 24.47
CA GLY A 487 5.71 16.71 23.85
C GLY A 487 4.91 16.47 22.60
N LEU A 488 4.36 17.51 21.98
CA LEU A 488 3.59 17.33 20.75
C LEU A 488 4.50 17.15 19.54
N PRO A 489 5.43 18.07 19.28
CA PRO A 489 6.22 17.96 18.05
C PRO A 489 7.24 16.84 18.12
N ASP A 490 6.77 15.61 17.99
CA ASP A 490 7.64 14.45 18.10
C ASP A 490 8.61 14.38 16.94
N PHE A 491 9.79 13.83 17.20
CA PHE A 491 10.79 13.64 16.15
C PHE A 491 10.27 12.65 15.12
N THR A 492 10.61 12.90 13.85
CA THR A 492 10.12 12.08 12.75
C THR A 492 11.22 12.00 11.69
N SER A 493 11.27 10.90 10.95
CA SER A 493 12.32 10.66 9.94
C SER A 493 11.78 10.92 8.55
N GLN A 494 12.67 11.06 7.58
CA GLN A 494 12.26 11.21 6.18
C GLN A 494 11.58 9.90 5.81
N SER A 495 12.04 8.80 6.36
CA SER A 495 11.46 7.48 6.10
C SER A 495 10.00 7.52 6.54
N MET A 496 9.76 7.95 7.76
CA MET A 496 8.39 7.95 8.30
C MET A 496 7.56 8.83 7.37
N LEU A 497 8.10 9.97 6.96
CA LEU A 497 7.38 10.90 6.08
C LEU A 497 6.99 10.18 4.81
N GLN A 498 7.95 9.61 4.09
CA GLN A 498 7.65 8.93 2.80
C GLN A 498 6.58 7.90 3.07
N ASN A 499 6.66 7.19 4.17
CA ASN A 499 5.70 6.12 4.44
C ASN A 499 4.33 6.74 4.47
N PHE A 500 4.17 7.90 5.11
CA PHE A 500 2.87 8.60 5.22
C PHE A 500 2.42 8.99 3.83
N ARG A 501 3.27 9.66 3.08
CA ARG A 501 2.96 10.10 1.71
C ARG A 501 2.50 8.91 0.92
N ASN A 502 3.19 7.81 1.06
CA ASN A 502 2.89 6.62 0.26
C ASN A 502 1.48 6.24 0.61
N PHE A 503 1.19 6.12 1.89
CA PHE A 503 -0.14 5.67 2.33
C PHE A 503 -1.22 6.66 1.94
N ILE A 504 -0.91 7.94 1.87
CA ILE A 504 -1.88 8.97 1.43
C ILE A 504 -2.22 8.66 -0.01
N LEU A 505 -1.23 8.52 -0.87
CA LEU A 505 -1.45 8.34 -2.32
C LEU A 505 -2.04 6.98 -2.57
N GLU A 506 -1.70 6.01 -1.76
CA GLU A 506 -2.19 4.64 -1.94
C GLU A 506 -3.69 4.77 -1.80
N ARG A 507 -4.16 5.32 -0.67
CA ARG A 507 -5.62 5.40 -0.38
C ARG A 507 -6.36 6.26 -1.42
N SER A 508 -5.76 7.37 -1.85
CA SER A 508 -6.36 8.21 -2.88
C SER A 508 -6.68 7.43 -4.14
N GLY A 509 -6.04 6.29 -4.35
CA GLY A 509 -6.31 5.46 -5.50
C GLY A 509 -5.21 5.64 -6.52
N ILE A 510 -4.08 6.23 -6.13
CA ILE A 510 -3.00 6.52 -7.07
C ILE A 510 -1.83 5.59 -6.78
N LEU A 511 -1.34 4.93 -7.82
CA LEU A 511 -0.27 3.96 -7.68
C LEU A 511 1.05 4.65 -7.34
N PRO A 512 1.78 4.18 -6.32
CA PRO A 512 3.07 4.81 -5.99
C PRO A 512 4.10 4.70 -7.08
N ALA A 513 4.00 3.68 -7.95
CA ALA A 513 4.99 3.51 -9.01
C ALA A 513 4.96 4.63 -10.01
N THR A 514 3.94 5.48 -9.99
CA THR A 514 3.87 6.63 -10.86
C THR A 514 5.02 7.60 -10.57
N CYS A 515 5.56 8.17 -11.64
CA CYS A 515 6.68 9.10 -11.54
C CYS A 515 6.28 10.39 -10.86
N CYS A 516 6.84 10.63 -9.66
CA CYS A 516 6.85 11.94 -9.02
C CYS A 516 5.44 12.50 -8.79
N ALA A 517 4.72 11.84 -7.89
CA ALA A 517 3.44 12.33 -7.39
C ALA A 517 3.58 12.68 -5.92
N LEU A 518 3.24 13.92 -5.55
CA LEU A 518 3.25 14.36 -4.16
C LEU A 518 1.91 15.00 -3.82
N PRO A 519 1.50 14.99 -2.54
CA PRO A 519 0.15 15.47 -2.21
C PRO A 519 0.00 16.98 -2.21
N SER A 520 1.07 17.74 -2.03
CA SER A 520 0.94 19.19 -1.93
C SER A 520 0.51 19.82 -3.24
N ASP A 521 0.57 19.09 -4.35
CA ASP A 521 0.14 19.64 -5.62
C ASP A 521 -1.35 19.94 -5.63
N PHE A 522 -2.12 19.07 -4.74
CA PHE A 522 -3.56 19.22 -4.83
C PHE A 522 -4.10 20.17 -3.76
N VAL A 523 -3.52 21.35 -3.66
CA VAL A 523 -3.91 22.32 -2.63
C VAL A 523 -3.82 23.72 -3.20
N PRO A 524 -4.87 24.54 -3.12
CA PRO A 524 -4.76 25.92 -3.62
C PRO A 524 -3.79 26.73 -2.76
N ILE A 525 -3.15 27.70 -3.41
CA ILE A 525 -2.07 28.44 -2.76
C ILE A 525 -2.61 29.31 -1.64
N LYS A 526 -3.70 30.04 -1.89
CA LYS A 526 -4.22 31.01 -0.93
C LYS A 526 -5.75 30.98 -0.94
N TYR A 527 -6.34 31.69 0.03
CA TYR A 527 -7.73 31.43 0.38
C TYR A 527 -8.70 31.95 -0.68
N ARG A 528 -8.31 32.95 -1.45
CA ARG A 528 -9.26 33.58 -2.37
C ARG A 528 -9.86 32.59 -3.35
N GLU A 529 -9.15 31.50 -3.66
CA GLU A 529 -9.60 30.53 -4.65
C GLU A 529 -10.07 29.22 -4.06
N CYS A 530 -9.77 28.97 -2.79
CA CYS A 530 -10.09 27.68 -2.19
C CYS A 530 -11.57 27.58 -1.83
N PRO A 531 -12.19 26.41 -1.94
CA PRO A 531 -13.51 26.20 -1.35
C PRO A 531 -13.41 26.16 0.16
N PRO A 532 -14.50 26.48 0.87
CA PRO A 532 -14.41 26.70 2.32
C PRO A 532 -13.77 25.52 3.04
N PRO A 533 -14.16 24.28 2.74
CA PRO A 533 -13.70 23.17 3.59
C PRO A 533 -12.19 23.01 3.66
N LEU A 534 -11.46 23.48 2.66
CA LEU A 534 -10.02 23.22 2.56
C LEU A 534 -9.17 24.41 3.04
N TRP A 535 -9.78 25.40 3.69
CA TRP A 535 -8.99 26.53 4.18
C TRP A 535 -8.00 26.08 5.24
N GLY A 536 -8.34 25.06 6.03
CA GLY A 536 -7.39 24.53 6.98
C GLY A 536 -6.14 24.02 6.28
N HIS A 537 -6.33 23.27 5.21
CA HIS A 537 -5.19 22.77 4.45
C HIS A 537 -4.42 23.91 3.80
N CYS A 538 -5.13 24.94 3.35
CA CYS A 538 -4.44 26.11 2.78
C CYS A 538 -3.55 26.77 3.82
N TYR A 539 -4.05 26.95 5.03
CA TYR A 539 -3.21 27.56 6.07
C TYR A 539 -2.05 26.64 6.42
N LEU A 540 -2.29 25.34 6.46
CA LEU A 540 -1.18 24.43 6.71
C LEU A 540 -0.09 24.61 5.67
N LEU A 541 -0.48 24.69 4.39
CA LEU A 541 0.50 24.83 3.33
C LEU A 541 1.23 26.17 3.41
N GLN A 542 0.50 27.26 3.68
CA GLN A 542 1.14 28.56 3.76
C GLN A 542 2.13 28.64 4.92
N LEU A 543 1.71 28.18 6.10
CA LEU A 543 2.60 28.12 7.24
C LEU A 543 3.80 27.22 6.96
N ALA A 544 3.55 26.11 6.26
CA ALA A 544 4.64 25.23 5.87
C ALA A 544 5.66 25.97 5.02
N ASN A 545 5.18 26.73 4.04
CA ASN A 545 6.09 27.48 3.18
C ASN A 545 6.85 28.51 3.99
N TYR A 546 6.19 29.16 4.95
CA TYR A 546 6.88 30.20 5.73
C TYR A 546 8.00 29.58 6.56
N LEU A 547 7.72 28.49 7.28
CA LEU A 547 8.80 27.84 8.01
C LEU A 547 9.90 27.36 7.06
N ALA A 548 9.53 26.83 5.90
CA ALA A 548 10.54 26.36 4.97
C ALA A 548 11.47 27.48 4.56
N TYR A 549 10.92 28.63 4.18
CA TYR A 549 11.76 29.74 3.73
C TYR A 549 12.55 30.34 4.89
N HIS A 550 11.93 30.51 6.05
CA HIS A 550 12.63 31.16 7.15
C HIS A 550 13.81 30.32 7.62
N SER A 551 13.64 29.01 7.65
CA SER A 551 14.71 28.11 8.10
C SER A 551 15.89 28.08 7.15
N ASP A 552 15.79 28.74 5.99
CA ASP A 552 16.86 28.75 5.01
C ASP A 552 17.19 27.33 4.55
N ILE A 553 16.18 26.69 3.95
CA ILE A 553 16.34 25.35 3.41
C ILE A 553 17.38 25.28 2.30
N MET A 554 17.81 26.44 1.79
CA MET A 554 18.81 26.49 0.73
C MET A 554 18.28 25.74 -0.50
N PRO B 159 -5.38 -1.61 21.13
CA PRO B 159 -4.69 -0.48 21.77
C PRO B 159 -3.21 -0.45 21.44
N VAL B 160 -2.81 0.48 20.59
CA VAL B 160 -1.42 0.64 20.17
C VAL B 160 -0.96 2.06 20.47
N PHE B 161 0.13 2.18 21.21
CA PHE B 161 0.77 3.48 21.50
C PHE B 161 2.22 3.37 21.05
N ALA B 162 2.47 3.63 19.78
CA ALA B 162 3.81 3.50 19.21
C ALA B 162 3.77 4.03 17.78
N VAL B 163 4.94 4.45 17.31
CA VAL B 163 5.05 4.93 15.93
C VAL B 163 4.85 3.75 14.98
N PRO B 164 4.26 3.95 13.79
CA PRO B 164 3.90 2.77 12.98
C PRO B 164 5.06 1.85 12.64
N GLU B 165 6.25 2.40 12.39
CA GLU B 165 7.38 1.56 11.99
C GLU B 165 7.83 0.69 13.16
N VAL B 166 8.35 -0.49 12.83
CA VAL B 166 8.88 -1.42 13.81
C VAL B 166 10.21 -1.98 13.28
N LEU B 167 10.95 -2.60 14.18
CA LEU B 167 12.24 -3.22 13.86
C LEU B 167 12.01 -4.67 13.49
N ALA B 168 12.65 -5.12 12.41
CA ALA B 168 12.50 -6.48 11.91
C ALA B 168 13.86 -6.96 11.43
N THR B 169 14.52 -7.79 12.25
CA THR B 169 15.83 -8.30 11.88
C THR B 169 15.74 -9.39 10.82
N TYR B 170 14.53 -9.87 10.51
CA TYR B 170 14.38 -10.96 9.57
C TYR B 170 14.93 -10.60 8.19
N HIS B 171 14.65 -9.39 7.73
CA HIS B 171 14.91 -8.98 6.36
C HIS B 171 16.17 -8.15 6.19
N ILE B 172 16.71 -7.58 7.27
CA ILE B 172 17.71 -6.53 7.13
C ILE B 172 19.04 -7.17 6.76
N PHE B 173 19.27 -7.32 5.45
CA PHE B 173 20.51 -7.82 4.90
C PHE B 173 20.52 -7.51 3.41
N PHE B 174 21.62 -6.95 2.91
CA PHE B 174 21.69 -6.55 1.51
C PHE B 174 23.07 -6.87 0.96
N GLN B 175 23.12 -7.16 -0.33
CA GLN B 175 24.37 -7.46 -1.03
C GLN B 175 24.61 -6.36 -2.06
N ASN B 176 25.80 -5.76 -2.00
CA ASN B 176 26.16 -4.64 -2.85
C ASN B 176 27.10 -5.10 -3.94
N CYS B 177 26.68 -4.94 -5.20
CA CYS B 177 27.51 -5.29 -6.33
C CYS B 177 27.10 -4.43 -7.51
N LYS B 178 28.01 -4.30 -8.47
CA LYS B 178 27.83 -3.32 -9.53
C LYS B 178 26.75 -3.76 -10.51
N ILE B 179 25.96 -2.76 -10.96
CA ILE B 179 24.80 -2.96 -11.87
C ILE B 179 25.29 -3.67 -13.13
N PRO B 180 24.61 -4.72 -13.65
CA PRO B 180 25.03 -5.36 -14.89
C PRO B 180 25.01 -4.43 -16.09
N LEU B 181 25.92 -4.61 -17.05
CA LEU B 181 25.89 -3.85 -18.32
C LEU B 181 24.61 -4.28 -19.05
N SER B 182 24.12 -5.51 -18.79
CA SER B 182 22.94 -6.09 -19.42
C SER B 182 21.72 -6.02 -18.51
N CYS B 183 21.59 -4.94 -17.74
CA CYS B 183 20.42 -4.77 -16.89
C CYS B 183 19.15 -4.71 -17.75
N ARG B 184 18.01 -4.88 -17.08
CA ARG B 184 16.74 -4.88 -17.80
C ARG B 184 16.53 -3.58 -18.56
N ALA B 185 16.81 -2.44 -17.91
CA ALA B 185 16.58 -1.15 -18.54
C ALA B 185 17.42 -0.97 -19.80
N ASN B 186 18.60 -1.62 -19.85
CA ASN B 186 19.59 -1.52 -20.97
C ASN B 186 19.25 -2.53 -22.08
N ARG B 187 18.13 -3.25 -21.98
CA ARG B 187 17.66 -4.20 -23.02
C ARG B 187 16.26 -3.75 -23.45
N SER B 188 16.12 -3.13 -24.64
CA SER B 188 14.84 -2.65 -25.13
C SER B 188 13.90 -3.81 -25.44
N ARG B 189 14.40 -4.84 -26.11
CA ARG B 189 13.59 -5.98 -26.53
C ARG B 189 13.52 -7.07 -25.46
N ALA B 190 13.82 -6.73 -24.21
CA ALA B 190 13.78 -7.73 -23.15
C ALA B 190 12.38 -8.32 -23.01
N ASP B 191 11.36 -7.46 -23.05
CA ASP B 191 9.99 -7.95 -22.92
C ASP B 191 9.66 -8.93 -24.04
N LYS B 192 10.30 -8.81 -25.20
CA LYS B 192 10.03 -9.72 -26.30
C LYS B 192 10.45 -11.13 -25.92
N GLN B 193 11.68 -11.30 -25.44
CA GLN B 193 12.14 -12.62 -25.04
C GLN B 193 11.39 -13.12 -23.81
N LEU B 194 11.11 -12.23 -22.86
CA LEU B 194 10.44 -12.64 -21.63
C LEU B 194 9.02 -13.13 -21.87
N ALA B 195 8.44 -12.83 -23.03
CA ALA B 195 7.10 -13.30 -23.33
C ALA B 195 7.05 -14.83 -23.31
N LEU B 196 5.96 -15.36 -22.78
CA LEU B 196 5.73 -16.79 -22.70
C LEU B 196 4.44 -17.15 -23.43
N ARG B 197 4.40 -18.37 -23.94
CA ARG B 197 3.27 -18.87 -24.71
C ARG B 197 2.78 -20.16 -24.06
N GLN B 198 1.73 -20.74 -24.64
CA GLN B 198 1.20 -22.00 -24.13
C GLN B 198 2.24 -23.10 -24.25
N GLY B 199 2.29 -23.96 -23.23
CA GLY B 199 3.19 -25.10 -23.24
C GLY B 199 4.56 -24.84 -22.69
N ALA B 200 4.90 -23.60 -22.37
CA ALA B 200 6.23 -23.29 -21.85
C ALA B 200 6.47 -24.09 -20.57
N VAL B 201 7.69 -24.59 -20.43
CA VAL B 201 8.07 -25.40 -19.28
C VAL B 201 8.76 -24.50 -18.26
N ILE B 202 8.68 -24.91 -17.00
CA ILE B 202 9.30 -24.12 -15.93
C ILE B 202 10.79 -24.01 -16.19
N PRO B 203 11.38 -22.82 -16.14
CA PRO B 203 12.83 -22.71 -16.35
C PRO B 203 13.60 -23.43 -15.26
N ASP B 204 14.78 -23.92 -15.63
CA ASP B 204 15.64 -24.69 -14.74
C ASP B 204 16.91 -23.91 -14.43
N ILE B 205 17.55 -24.28 -13.33
CA ILE B 205 18.81 -23.66 -12.93
C ILE B 205 19.88 -24.01 -13.95
N ALA B 206 20.97 -23.24 -13.97
CA ALA B 206 22.09 -23.49 -14.86
C ALA B 206 23.37 -23.58 -14.03
N SER B 207 24.41 -24.11 -14.65
CA SER B 207 25.68 -24.36 -13.96
C SER B 207 26.83 -23.95 -14.86
N LEU B 208 27.98 -23.72 -14.22
CA LEU B 208 29.15 -23.26 -14.95
C LEU B 208 29.63 -24.25 -15.99
N ASP B 209 29.19 -25.52 -15.90
CA ASP B 209 29.61 -26.50 -16.89
C ASP B 209 29.17 -26.09 -18.29
N GLU B 210 27.93 -25.60 -18.43
CA GLU B 210 27.40 -25.17 -19.72
C GLU B 210 27.52 -23.66 -19.93
N VAL B 211 28.12 -22.95 -18.99
CA VAL B 211 28.30 -21.50 -19.08
C VAL B 211 29.80 -21.22 -18.96
N PRO B 212 30.53 -21.15 -20.07
CA PRO B 212 31.98 -20.98 -19.98
C PRO B 212 32.40 -19.68 -19.33
N LYS B 213 31.93 -18.56 -19.87
CA LYS B 213 32.35 -17.25 -19.41
C LYS B 213 31.19 -16.28 -19.49
N ILE B 214 31.07 -15.43 -18.46
CA ILE B 214 30.05 -14.38 -18.47
C ILE B 214 30.33 -13.42 -19.62
N PHE B 215 29.35 -13.27 -20.51
CA PHE B 215 29.43 -12.35 -21.62
C PHE B 215 28.35 -11.28 -21.43
N GLU B 216 28.77 -10.02 -21.40
CA GLU B 216 27.85 -8.91 -21.19
C GLU B 216 27.70 -8.08 -22.46
N VAL B 242 25.57 4.58 -16.41
CA VAL B 242 25.52 3.13 -16.53
C VAL B 242 24.37 2.75 -17.45
N LEU B 243 23.25 3.46 -17.33
CA LEU B 243 22.11 3.27 -18.22
C LEU B 243 22.28 4.14 -19.46
N VAL B 244 21.87 3.59 -20.60
CA VAL B 244 21.99 4.25 -21.89
C VAL B 244 20.62 4.31 -22.53
N GLU B 245 20.23 5.47 -23.03
CA GLU B 245 18.94 5.64 -23.68
C GLU B 245 18.91 4.81 -24.95
N LEU B 246 18.18 3.70 -24.93
CA LEU B 246 18.10 2.79 -26.06
C LEU B 246 17.02 3.26 -27.03
N GLU B 247 16.97 2.60 -28.18
CA GLU B 247 16.03 3.00 -29.23
C GLU B 247 14.60 2.58 -28.90
N GLY B 248 14.44 1.42 -28.25
CA GLY B 248 13.09 0.93 -27.89
C GLY B 248 12.80 1.09 -26.41
N ASP B 249 13.40 2.10 -25.77
CA ASP B 249 13.12 2.36 -24.33
C ASP B 249 11.66 2.79 -24.17
N ASN B 250 10.85 1.99 -23.47
CA ASN B 250 9.40 2.30 -23.30
C ASN B 250 9.24 3.49 -22.36
N ALA B 251 8.07 4.15 -22.38
CA ALA B 251 7.84 5.38 -21.57
C ALA B 251 8.34 5.24 -20.12
N ARG B 252 7.85 4.24 -19.37
CA ARG B 252 8.21 4.11 -17.94
C ARG B 252 9.73 4.08 -17.75
N LEU B 253 10.45 3.43 -18.67
CA LEU B 253 11.90 3.35 -18.59
C LEU B 253 12.57 4.57 -19.18
N ALA B 254 11.93 5.20 -20.18
CA ALA B 254 12.55 6.36 -20.84
C ALA B 254 12.81 7.48 -19.84
N VAL B 255 11.85 7.86 -18.98
CA VAL B 255 12.15 9.01 -18.05
C VAL B 255 13.20 8.57 -17.00
N LEU B 256 13.10 7.30 -16.58
CA LEU B 256 14.02 6.76 -15.54
C LEU B 256 15.46 6.74 -16.06
N LYS B 257 15.69 6.17 -17.26
CA LYS B 257 17.06 6.10 -17.83
C LYS B 257 17.71 7.48 -17.81
N ARG B 258 16.90 8.55 -17.72
CA ARG B 258 17.41 9.95 -17.71
C ARG B 258 17.65 10.49 -16.29
N SER B 259 16.66 10.47 -15.38
CA SER B 259 16.94 11.15 -14.07
C SER B 259 17.59 10.29 -12.98
N ILE B 260 18.84 9.82 -13.16
CA ILE B 260 19.30 8.78 -12.23
C ILE B 260 20.76 9.01 -11.91
N GLU B 261 21.10 9.01 -10.62
CA GLU B 261 22.49 9.03 -10.18
C GLU B 261 22.93 7.60 -9.85
N VAL B 262 22.92 6.76 -10.88
CA VAL B 262 23.19 5.35 -10.70
C VAL B 262 24.69 5.10 -10.62
N THR B 263 25.13 4.65 -9.46
CA THR B 263 26.53 4.27 -9.25
C THR B 263 26.63 2.79 -8.88
N HIS B 264 25.85 2.38 -7.90
CA HIS B 264 25.83 1.00 -7.41
C HIS B 264 24.47 0.72 -6.79
N PHE B 265 23.74 -0.24 -7.34
CA PHE B 265 22.43 -0.61 -6.84
C PHE B 265 22.55 -1.84 -5.95
N ALA B 266 22.07 -1.72 -4.72
CA ALA B 266 22.10 -2.84 -3.80
C ALA B 266 21.05 -3.87 -4.20
N TYR B 267 21.27 -5.11 -3.77
CA TYR B 267 20.36 -6.21 -4.07
C TYR B 267 19.94 -6.87 -2.76
N PRO B 268 18.76 -7.48 -2.73
CA PRO B 268 18.35 -8.18 -1.50
C PRO B 268 19.29 -9.34 -1.22
N ALA B 269 19.80 -9.38 0.01
CA ALA B 269 20.76 -10.42 0.36
C ALA B 269 20.06 -11.77 0.41
N LEU B 270 20.15 -12.51 -0.67
CA LEU B 270 19.53 -13.83 -0.79
C LEU B 270 20.64 -14.87 -0.59
N ASN B 271 20.67 -15.48 0.59
CA ASN B 271 21.73 -16.41 0.93
C ASN B 271 21.25 -17.38 2.01
N LEU B 272 21.95 -18.51 2.09
CA LEU B 272 21.73 -19.51 3.13
C LEU B 272 22.22 -18.93 4.46
N PRO B 273 21.80 -19.48 5.59
CA PRO B 273 22.19 -18.88 6.87
C PRO B 273 23.70 -18.80 6.99
N PRO B 274 24.16 -17.73 7.64
CA PRO B 274 25.58 -17.46 7.73
C PRO B 274 26.32 -18.61 8.41
N LYS B 275 25.70 -19.30 9.36
CA LYS B 275 26.35 -20.42 10.06
C LYS B 275 26.44 -21.61 9.13
N VAL B 276 25.36 -21.94 8.43
CA VAL B 276 25.32 -23.07 7.49
C VAL B 276 26.53 -22.90 6.59
N MET B 277 26.72 -21.69 6.12
CA MET B 277 27.84 -21.39 5.21
C MET B 277 29.13 -21.64 5.97
N SER B 278 29.24 -21.09 7.17
CA SER B 278 30.46 -21.24 7.99
C SER B 278 30.82 -22.72 8.06
N THR B 279 29.86 -23.60 8.23
CA THR B 279 30.14 -25.04 8.39
C THR B 279 30.92 -25.57 7.21
N VAL B 280 30.55 -25.20 5.99
CA VAL B 280 31.15 -25.81 4.78
C VAL B 280 32.33 -24.98 4.25
N MET B 281 32.57 -23.78 4.73
CA MET B 281 33.77 -23.00 4.27
C MET B 281 34.95 -23.36 5.15
N SER B 282 34.78 -23.53 6.47
CA SER B 282 35.73 -24.00 7.46
C SER B 282 36.09 -25.46 7.22
N GLU B 283 35.13 -26.24 6.73
CA GLU B 283 35.43 -27.61 6.36
C GLU B 283 36.35 -27.64 5.14
N LEU B 284 36.07 -26.82 4.12
CA LEU B 284 36.99 -26.71 2.99
C LEU B 284 38.33 -26.13 3.41
N ILE B 285 38.33 -25.16 4.32
CA ILE B 285 39.57 -24.53 4.77
C ILE B 285 39.84 -24.93 6.21
N PRO B 307 43.49 -24.78 1.43
CA PRO B 307 42.77 -25.98 1.02
C PRO B 307 43.02 -27.15 1.96
N ALA B 308 42.04 -27.45 2.81
CA ALA B 308 42.22 -28.51 3.81
C ALA B 308 42.45 -29.86 3.15
N VAL B 309 41.65 -30.18 2.12
CA VAL B 309 41.76 -31.49 1.48
C VAL B 309 43.17 -31.70 0.93
N GLY B 310 43.75 -30.65 0.32
CA GLY B 310 45.05 -30.76 -0.30
C GLY B 310 44.97 -31.25 -1.73
N ASP B 311 46.12 -31.67 -2.25
CA ASP B 311 46.22 -32.20 -3.60
C ASP B 311 46.44 -33.70 -3.63
N GLU B 312 46.84 -34.32 -2.52
CA GLU B 312 47.12 -35.75 -2.51
C GLU B 312 45.86 -36.56 -2.72
N GLN B 313 44.80 -36.25 -1.95
CA GLN B 313 43.53 -36.95 -2.13
C GLN B 313 42.95 -36.68 -3.51
N LEU B 314 43.05 -35.45 -4.00
CA LEU B 314 42.57 -35.14 -5.33
C LEU B 314 43.29 -35.98 -6.38
N ALA B 315 44.62 -36.10 -6.28
CA ALA B 315 45.35 -36.95 -7.22
C ALA B 315 44.93 -38.40 -7.08
N ARG B 316 44.72 -38.87 -5.85
CA ARG B 316 44.21 -40.22 -5.65
C ARG B 316 42.92 -40.43 -6.42
N TRP B 317 42.00 -39.45 -6.34
CA TRP B 317 40.74 -39.56 -7.07
C TRP B 317 40.97 -39.58 -8.57
N LEU B 318 41.63 -38.55 -9.10
CA LEU B 318 41.76 -38.41 -10.55
C LEU B 318 42.49 -39.58 -11.17
N GLU B 319 43.34 -40.27 -10.42
CA GLU B 319 44.11 -41.40 -10.94
C GLU B 319 44.97 -40.99 -12.14
N THR B 320 45.32 -39.70 -12.22
CA THR B 320 46.11 -39.18 -13.32
C THR B 320 47.13 -38.18 -12.78
N ARG B 321 48.21 -38.00 -13.51
CA ARG B 321 49.31 -37.12 -13.09
C ARG B 321 49.11 -35.68 -13.54
N GLU B 322 48.04 -35.37 -14.26
CA GLU B 322 47.83 -34.03 -14.76
C GLU B 322 47.29 -33.12 -13.65
N PRO B 323 47.98 -32.05 -13.26
CA PRO B 323 47.41 -31.14 -12.27
C PRO B 323 46.26 -30.30 -12.81
N ALA B 324 46.11 -30.21 -14.13
CA ALA B 324 45.01 -29.44 -14.70
C ALA B 324 43.67 -30.00 -14.26
N ASP B 325 43.52 -31.33 -14.26
CA ASP B 325 42.29 -31.93 -13.77
C ASP B 325 42.07 -31.61 -12.29
N LEU B 326 43.15 -31.59 -11.51
CA LEU B 326 43.03 -31.24 -10.09
C LEU B 326 42.50 -29.82 -9.93
N GLU B 327 43.06 -28.87 -10.67
CA GLU B 327 42.59 -27.49 -10.57
C GLU B 327 41.16 -27.37 -11.05
N GLU B 328 40.80 -28.08 -12.12
CA GLU B 328 39.43 -28.04 -12.62
C GLU B 328 38.45 -28.57 -11.58
N ARG B 329 38.80 -29.69 -10.92
CA ARG B 329 37.94 -30.24 -9.89
C ARG B 329 37.80 -29.28 -8.72
N ARG B 330 38.91 -28.67 -8.30
CA ARG B 330 38.83 -27.70 -7.20
C ARG B 330 37.92 -26.54 -7.57
N LYS B 331 38.06 -26.01 -8.79
CA LYS B 331 37.21 -24.92 -9.23
C LYS B 331 35.75 -25.36 -9.28
N LEU B 332 35.50 -26.59 -9.73
CA LEU B 332 34.13 -27.10 -9.76
C LEU B 332 33.53 -27.12 -8.37
N MET B 333 34.28 -27.62 -7.38
CA MET B 333 33.78 -27.65 -6.02
C MET B 333 33.54 -26.25 -5.47
N MET B 334 34.46 -25.33 -5.73
CA MET B 334 34.30 -23.96 -5.24
C MET B 334 33.05 -23.33 -5.83
N ALA B 335 32.87 -23.44 -7.14
CA ALA B 335 31.70 -22.87 -7.79
C ALA B 335 30.42 -23.52 -7.28
N ALA B 336 30.45 -24.85 -7.09
CA ALA B 336 29.28 -25.53 -6.57
C ALA B 336 28.89 -24.97 -5.22
N VAL B 337 29.84 -24.90 -4.28
CA VAL B 337 29.51 -24.40 -2.95
C VAL B 337 29.16 -22.92 -2.98
N LEU B 338 29.56 -22.19 -4.03
CA LEU B 338 29.28 -20.75 -4.04
C LEU B 338 27.90 -20.44 -4.61
N VAL B 339 27.53 -21.06 -5.75
CA VAL B 339 26.32 -20.71 -6.47
C VAL B 339 25.41 -21.92 -6.66
N THR B 340 25.96 -23.06 -7.05
CA THR B 340 25.12 -24.20 -7.49
C THR B 340 24.43 -24.86 -6.32
N VAL B 341 24.98 -24.79 -5.13
CA VAL B 341 24.26 -25.34 -3.98
C VAL B 341 22.98 -24.54 -3.75
N GLU B 342 23.11 -23.22 -3.69
CA GLU B 342 21.94 -22.38 -3.49
C GLU B 342 20.92 -22.56 -4.60
N LEU B 343 21.39 -22.63 -5.84
CA LEU B 343 20.45 -22.80 -6.94
C LEU B 343 19.69 -24.11 -6.79
N GLU B 344 20.36 -25.16 -6.35
CA GLU B 344 19.68 -26.44 -6.12
C GLU B 344 18.66 -26.33 -4.99
N CYS B 345 19.02 -25.65 -3.90
CA CYS B 345 18.06 -25.51 -2.81
C CYS B 345 16.81 -24.77 -3.28
N MET B 346 17.00 -23.70 -4.06
CA MET B 346 15.86 -23.00 -4.64
C MET B 346 15.04 -23.95 -5.50
N GLN B 347 15.72 -24.69 -6.37
CA GLN B 347 15.03 -25.59 -7.30
C GLN B 347 14.14 -26.55 -6.54
N ARG B 348 14.66 -27.13 -5.46
CA ARG B 348 13.86 -28.09 -4.71
C ARG B 348 12.74 -27.40 -3.95
N PHE B 349 13.02 -26.24 -3.36
CA PHE B 349 12.00 -25.59 -2.54
C PHE B 349 10.80 -25.19 -3.38
N PHE B 350 11.03 -24.45 -4.46
CA PHE B 350 9.92 -23.82 -5.18
C PHE B 350 9.30 -24.70 -6.24
N ALA B 351 9.85 -25.88 -6.50
CA ALA B 351 9.35 -26.72 -7.58
C ALA B 351 8.34 -27.77 -7.12
N ASP B 352 8.04 -27.84 -5.83
CA ASP B 352 7.06 -28.81 -5.36
C ASP B 352 5.69 -28.47 -5.94
N PRO B 353 5.03 -29.40 -6.64
CA PRO B 353 3.73 -29.07 -7.22
C PRO B 353 2.73 -28.55 -6.20
N GLU B 354 2.71 -29.10 -4.99
CA GLU B 354 1.86 -28.55 -3.94
C GLU B 354 2.28 -27.14 -3.58
N MET B 355 3.60 -26.91 -3.47
CA MET B 355 4.08 -25.57 -3.15
C MET B 355 3.77 -24.60 -4.29
N GLN B 356 3.89 -25.05 -5.54
CA GLN B 356 3.54 -24.16 -6.65
C GLN B 356 2.05 -23.87 -6.64
N ARG B 357 1.23 -24.86 -6.30
CA ARG B 357 -0.20 -24.61 -6.11
C ARG B 357 -0.42 -23.51 -5.07
N LYS B 358 0.29 -23.61 -3.95
CA LYS B 358 0.13 -22.63 -2.89
C LYS B 358 0.53 -21.24 -3.36
N LEU B 359 1.66 -21.15 -4.06
CA LEU B 359 2.09 -19.86 -4.61
C LEU B 359 1.07 -19.30 -5.58
N GLU B 360 0.55 -20.14 -6.47
CA GLU B 360 -0.43 -19.68 -7.44
C GLU B 360 -1.68 -19.15 -6.74
N GLU B 361 -2.15 -19.86 -5.72
CA GLU B 361 -3.35 -19.41 -5.04
C GLU B 361 -3.11 -18.12 -4.26
N THR B 362 -1.94 -17.96 -3.63
CA THR B 362 -1.70 -16.71 -2.93
C THR B 362 -1.56 -15.55 -3.90
N LEU B 363 -0.96 -15.78 -5.08
CA LEU B 363 -0.92 -14.73 -6.08
C LEU B 363 -2.33 -14.37 -6.54
N HIS B 364 -3.15 -15.39 -6.81
CA HIS B 364 -4.56 -15.16 -7.12
C HIS B 364 -5.19 -14.25 -6.08
N TYR B 365 -4.97 -14.58 -4.81
CA TYR B 365 -5.53 -13.77 -3.72
C TYR B 365 -5.03 -12.34 -3.79
N THR B 366 -3.72 -12.15 -3.86
CA THR B 366 -3.15 -10.82 -3.72
C THR B 366 -3.58 -9.91 -4.85
N PHE B 367 -3.64 -10.43 -6.08
CA PHE B 367 -3.99 -9.60 -7.21
C PHE B 367 -5.49 -9.62 -7.53
N ARG B 368 -6.30 -10.32 -6.73
CA ARG B 368 -7.75 -10.28 -6.89
C ARG B 368 -8.17 -10.47 -8.34
N GLN B 369 -7.86 -11.65 -8.88
CA GLN B 369 -8.25 -12.01 -10.23
C GLN B 369 -8.76 -13.44 -10.25
N GLY B 370 -9.91 -13.63 -10.90
CA GLY B 370 -10.39 -14.98 -11.18
C GLY B 370 -11.35 -15.48 -10.12
N TYR B 371 -11.07 -16.68 -9.61
CA TYR B 371 -12.00 -17.34 -8.70
C TYR B 371 -12.17 -16.57 -7.40
N VAL B 372 -11.09 -15.95 -6.90
CA VAL B 372 -11.23 -15.15 -5.69
C VAL B 372 -12.15 -13.95 -5.96
N ARG B 373 -12.04 -13.35 -7.13
CA ARG B 373 -12.92 -12.25 -7.49
C ARG B 373 -14.37 -12.71 -7.56
N GLN B 374 -14.60 -13.88 -8.18
CA GLN B 374 -15.95 -14.41 -8.25
C GLN B 374 -16.51 -14.67 -6.85
N ALA B 375 -15.69 -15.23 -5.97
CA ALA B 375 -16.13 -15.49 -4.61
C ALA B 375 -16.48 -14.19 -3.89
N CYS B 376 -15.64 -13.17 -4.05
CA CYS B 376 -15.95 -11.88 -3.42
C CYS B 376 -17.25 -11.30 -3.96
N LYS B 377 -17.46 -11.38 -5.28
CA LYS B 377 -18.70 -10.84 -5.85
C LYS B 377 -19.92 -11.57 -5.31
N ILE B 378 -19.92 -12.90 -5.39
CA ILE B 378 -21.09 -13.68 -4.99
C ILE B 378 -21.26 -13.62 -3.48
N SER B 379 -20.16 -13.61 -2.72
CA SER B 379 -20.26 -13.71 -1.27
C SER B 379 -21.00 -12.51 -0.68
N ASN B 380 -20.79 -11.32 -1.23
CA ASN B 380 -21.22 -10.07 -0.62
C ASN B 380 -20.36 -9.79 0.61
N VAL B 381 -19.35 -10.63 0.84
CA VAL B 381 -18.38 -10.47 1.92
C VAL B 381 -17.00 -10.39 1.29
N GLU B 382 -16.22 -9.40 1.70
CA GLU B 382 -14.92 -9.14 1.09
C GLU B 382 -13.92 -10.17 1.58
N LEU B 383 -13.35 -10.94 0.66
CA LEU B 383 -12.36 -11.96 1.00
C LEU B 383 -10.92 -11.56 0.71
N CYS B 384 -10.70 -10.53 -0.10
CA CYS B 384 -9.31 -10.14 -0.38
C CYS B 384 -8.58 -9.66 0.86
N ASN B 385 -9.32 -9.18 1.86
CA ASN B 385 -8.70 -8.50 2.99
C ASN B 385 -7.81 -9.39 3.85
N LEU B 386 -7.91 -10.72 3.72
CA LEU B 386 -7.11 -11.59 4.57
C LEU B 386 -5.64 -11.47 4.23
N VAL B 387 -4.84 -11.07 5.22
CA VAL B 387 -3.39 -10.99 5.12
C VAL B 387 -2.81 -11.87 6.22
N SER B 388 -1.80 -12.65 5.89
CA SER B 388 -1.28 -13.68 6.79
C SER B 388 0.21 -13.51 6.99
N TYR B 389 0.72 -14.18 8.02
CA TYR B 389 2.15 -14.21 8.31
C TYR B 389 2.41 -15.48 9.12
N LEU B 390 3.08 -16.45 8.49
CA LEU B 390 3.37 -17.73 9.13
C LEU B 390 2.09 -18.40 9.64
N GLY B 391 1.01 -18.25 8.88
CA GLY B 391 -0.25 -18.88 9.21
C GLY B 391 -1.07 -18.18 10.27
N ILE B 392 -0.63 -17.00 10.74
CA ILE B 392 -1.41 -16.29 11.76
C ILE B 392 -2.74 -15.84 11.18
N LEU B 393 -2.77 -15.44 9.91
CA LEU B 393 -4.01 -15.12 9.20
C LEU B 393 -4.75 -13.97 9.88
N HIS B 394 -4.08 -12.82 9.92
CA HIS B 394 -4.71 -11.60 10.41
C HIS B 394 -5.66 -11.05 9.34
N GLU B 395 -6.27 -9.91 9.64
CA GLU B 395 -7.15 -9.24 8.69
C GLU B 395 -6.92 -7.73 8.81
N ASN B 396 -6.77 -7.07 7.67
CA ASN B 396 -6.44 -5.64 7.64
C ASN B 396 -7.37 -4.93 6.65
N ARG B 397 -8.12 -3.95 7.15
CA ARG B 397 -8.86 -3.07 6.26
C ARG B 397 -7.94 -2.17 5.46
N LEU B 398 -6.89 -1.64 6.10
CA LEU B 398 -5.99 -0.69 5.47
C LEU B 398 -5.05 -1.45 4.54
N GLY B 399 -5.60 -1.85 3.39
CA GLY B 399 -4.83 -2.56 2.38
C GLY B 399 -5.44 -2.42 1.00
N GLN B 400 -4.63 -2.01 0.03
CA GLN B 400 -5.07 -1.84 -1.34
C GLN B 400 -4.53 -2.99 -2.19
N ASN B 401 -5.41 -3.59 -2.99
CA ASN B 401 -5.00 -4.70 -3.85
C ASN B 401 -5.65 -4.63 -5.23
N VAL B 402 -6.36 -3.55 -5.55
CA VAL B 402 -7.09 -3.45 -6.81
C VAL B 402 -6.64 -2.21 -7.57
N LEU B 403 -5.48 -1.67 -7.20
CA LEU B 403 -4.94 -0.51 -7.91
C LEU B 403 -4.13 -0.89 -9.14
N HIS B 404 -3.76 -2.16 -9.29
CA HIS B 404 -2.97 -2.58 -10.44
C HIS B 404 -3.79 -2.54 -11.74
N SER B 405 -5.12 -2.44 -11.65
CA SER B 405 -5.93 -2.36 -12.86
C SER B 405 -5.76 -1.03 -13.59
N THR B 406 -5.27 0.00 -12.92
CA THR B 406 -5.10 1.30 -13.57
C THR B 406 -4.01 1.28 -14.64
N LEU B 407 -3.14 0.28 -14.63
CA LEU B 407 -2.06 0.16 -15.59
C LEU B 407 -2.40 -0.89 -16.64
N LYS B 408 -1.97 -0.67 -17.89
CA LYS B 408 -2.17 -1.64 -19.00
C LYS B 408 -0.95 -1.58 -19.94
N GLY B 409 -1.02 -2.23 -21.10
CA GLY B 409 0.09 -2.25 -22.07
C GLY B 409 1.33 -2.89 -21.49
N GLU B 410 2.52 -2.37 -21.81
CA GLU B 410 3.80 -2.89 -21.27
C GLU B 410 4.01 -2.36 -19.85
N ALA B 411 3.25 -1.34 -19.43
CA ALA B 411 3.37 -0.78 -18.07
C ALA B 411 2.92 -1.85 -17.07
N ARG B 412 1.93 -2.68 -17.45
CA ARG B 412 1.40 -3.70 -16.57
C ARG B 412 2.34 -4.86 -16.55
N ARG B 413 2.72 -5.39 -17.67
CA ARG B 413 3.53 -6.62 -17.62
C ARG B 413 4.66 -6.36 -16.65
N ASP B 414 5.40 -5.32 -16.88
CA ASP B 414 6.60 -5.06 -16.08
C ASP B 414 6.25 -4.93 -14.63
N TYR B 415 5.26 -4.17 -14.34
CA TYR B 415 4.94 -3.86 -12.94
C TYR B 415 4.61 -5.14 -12.25
N VAL B 416 3.84 -5.96 -12.88
CA VAL B 416 3.43 -7.16 -12.15
C VAL B 416 4.66 -7.99 -11.99
N ARG B 417 5.45 -8.13 -13.07
CA ARG B 417 6.68 -8.97 -13.07
C ARG B 417 7.45 -8.57 -11.83
N ASP B 418 7.47 -7.26 -11.53
CA ASP B 418 8.20 -6.79 -10.38
C ASP B 418 7.52 -7.30 -9.16
N CYS B 419 6.28 -7.00 -8.97
CA CYS B 419 5.61 -7.35 -7.71
C CYS B 419 5.86 -8.81 -7.38
N VAL B 420 5.72 -9.71 -8.33
CA VAL B 420 5.88 -11.14 -8.11
C VAL B 420 7.31 -11.45 -7.69
N TYR B 421 8.27 -10.77 -8.32
CA TYR B 421 9.67 -11.00 -7.97
C TYR B 421 9.91 -10.67 -6.50
N LEU B 422 9.49 -9.48 -6.05
CA LEU B 422 9.71 -9.15 -4.65
C LEU B 422 8.97 -10.09 -3.73
N PHE B 423 7.78 -10.56 -4.13
CA PHE B 423 7.06 -11.49 -3.28
C PHE B 423 7.86 -12.79 -3.11
N LEU B 424 8.44 -13.29 -4.20
CA LEU B 424 9.26 -14.48 -4.09
C LEU B 424 10.47 -14.23 -3.20
N CYS B 425 11.10 -13.07 -3.34
CA CYS B 425 12.24 -12.76 -2.47
C CYS B 425 11.80 -12.74 -1.01
N TYR B 426 10.64 -12.14 -0.73
CA TYR B 426 10.17 -12.07 0.65
C TYR B 426 9.92 -13.48 1.19
N THR B 427 9.31 -14.33 0.37
CA THR B 427 9.06 -15.70 0.78
C THR B 427 10.36 -16.40 1.15
N TRP B 428 11.34 -16.36 0.24
CA TRP B 428 12.59 -17.06 0.52
C TRP B 428 13.31 -16.47 1.73
N GLN B 429 13.33 -15.15 1.84
CA GLN B 429 14.06 -14.52 2.95
C GLN B 429 13.43 -14.87 4.29
N THR B 430 12.11 -14.81 4.38
CA THR B 430 11.47 -15.19 5.65
C THR B 430 11.70 -16.66 5.95
N ALA B 431 11.67 -17.51 4.93
CA ALA B 431 11.95 -18.93 5.14
C ALA B 431 13.34 -19.11 5.72
N MET B 432 14.34 -18.48 5.10
CA MET B 432 15.72 -18.62 5.58
C MET B 432 15.86 -18.08 6.99
N GLY B 433 15.21 -16.95 7.29
CA GLY B 433 15.30 -16.39 8.62
C GLY B 433 14.72 -17.32 9.68
N VAL B 434 13.55 -17.88 9.40
CA VAL B 434 12.90 -18.75 10.38
C VAL B 434 13.72 -20.03 10.55
N TRP B 435 14.33 -20.54 9.47
CA TRP B 435 15.23 -21.67 9.63
C TRP B 435 16.42 -21.30 10.50
N GLN B 436 17.02 -20.14 10.26
CA GLN B 436 18.21 -19.74 11.01
C GLN B 436 17.88 -19.64 12.50
N GLN B 437 16.73 -19.04 12.83
CA GLN B 437 16.38 -18.85 14.22
C GLN B 437 16.05 -20.16 14.94
N CYS B 438 15.92 -21.27 14.21
CA CYS B 438 15.67 -22.58 14.80
C CYS B 438 16.88 -23.51 14.67
N LEU B 439 18.09 -22.95 14.62
CA LEU B 439 19.31 -23.77 14.40
C LEU B 439 19.69 -24.35 15.74
N GLU B 440 20.29 -25.54 15.76
CA GLU B 440 20.76 -26.22 16.99
C GLU B 440 22.26 -26.38 16.78
N GLU B 441 23.08 -25.92 17.71
CA GLU B 441 24.55 -26.04 17.56
C GLU B 441 24.94 -27.50 17.74
N ARG B 442 24.02 -28.40 18.13
CA ARG B 442 24.26 -29.86 18.21
C ARG B 442 24.14 -30.39 16.79
N ASN B 443 23.11 -30.03 16.04
CA ASN B 443 22.96 -30.29 14.61
C ASN B 443 24.18 -29.79 13.84
N LEU B 444 24.85 -28.75 14.33
CA LEU B 444 26.07 -28.30 13.67
C LEU B 444 27.17 -29.35 13.79
N LYS B 445 27.34 -29.93 14.98
CA LYS B 445 28.30 -31.01 15.13
C LYS B 445 27.93 -32.21 14.28
N GLU B 446 26.63 -32.53 14.22
CA GLU B 446 26.18 -33.63 13.36
C GLU B 446 26.51 -33.36 11.90
N LEU B 447 26.29 -32.12 11.45
CA LEU B 447 26.64 -31.75 10.08
C LEU B 447 28.13 -31.88 9.85
N GLN B 448 28.94 -31.47 10.83
CA GLN B 448 30.39 -31.62 10.70
C GLN B 448 30.77 -33.08 10.53
N LYS B 449 30.20 -33.96 11.35
CA LYS B 449 30.52 -35.39 11.25
C LYS B 449 30.06 -35.95 9.92
N LEU B 450 28.86 -35.58 9.47
CA LEU B 450 28.37 -36.09 8.20
C LEU B 450 29.24 -35.63 7.05
N LEU B 451 29.68 -34.36 7.08
CA LEU B 451 30.57 -33.88 6.03
C LEU B 451 31.89 -34.63 6.05
N LYS B 452 32.44 -34.87 7.24
CA LYS B 452 33.66 -35.66 7.33
C LYS B 452 33.47 -37.05 6.72
N GLN B 453 32.31 -37.66 6.98
CA GLN B 453 32.09 -39.02 6.52
C GLN B 453 31.85 -39.07 5.01
N ASN B 454 31.19 -38.06 4.46
CA ASN B 454 30.79 -38.07 3.06
C ASN B 454 31.78 -37.38 2.11
N LEU B 455 32.75 -36.63 2.62
CA LEU B 455 33.62 -35.89 1.72
C LEU B 455 34.29 -36.82 0.71
N LYS B 456 34.58 -38.05 1.12
CA LYS B 456 35.27 -38.97 0.22
C LYS B 456 34.44 -39.25 -1.03
N ASP B 457 33.13 -39.41 -0.87
CA ASP B 457 32.26 -39.59 -2.02
C ASP B 457 32.00 -38.25 -2.72
N LEU B 458 31.87 -37.17 -1.96
CA LEU B 458 31.49 -35.89 -2.55
C LEU B 458 32.58 -35.34 -3.45
N TRP B 459 33.84 -35.66 -3.18
CA TRP B 459 34.92 -35.26 -4.06
C TRP B 459 35.13 -36.20 -5.23
N THR B 460 34.15 -37.08 -5.50
CA THR B 460 34.27 -38.10 -6.55
C THR B 460 33.00 -38.15 -7.40
N ALA B 461 32.51 -36.99 -7.83
CA ALA B 461 31.39 -36.89 -8.75
C ALA B 461 31.81 -36.06 -9.95
N PHE B 462 31.53 -36.57 -11.15
CA PHE B 462 31.99 -35.91 -12.36
C PHE B 462 31.18 -34.67 -12.68
N ASN B 463 29.84 -34.66 -12.64
CA ASN B 463 29.02 -33.49 -13.07
C ASN B 463 29.13 -32.44 -11.97
N GLU B 464 28.89 -31.15 -12.22
CA GLU B 464 28.91 -30.08 -11.17
C GLU B 464 27.53 -30.00 -10.61
N ARG B 465 26.54 -30.19 -11.47
CA ARG B 465 25.13 -30.19 -11.04
C ARG B 465 24.97 -31.40 -10.12
N SER B 466 25.66 -32.50 -10.42
CA SER B 466 25.57 -33.71 -9.57
C SER B 466 26.25 -33.39 -8.26
N VAL B 467 27.35 -32.67 -8.34
CA VAL B 467 28.12 -32.36 -7.10
C VAL B 467 27.13 -31.65 -6.20
N ALA B 468 26.39 -30.69 -6.74
CA ALA B 468 25.48 -29.86 -5.93
C ALA B 468 24.24 -30.66 -5.58
N ALA B 469 23.91 -31.68 -6.36
CA ALA B 469 22.70 -32.51 -6.12
C ALA B 469 22.86 -33.17 -4.76
N HIS B 470 24.03 -33.75 -4.50
CA HIS B 470 24.27 -34.48 -3.26
C HIS B 470 24.49 -33.48 -2.13
N LEU B 471 25.17 -32.35 -2.29
CA LEU B 471 25.44 -31.46 -1.17
C LEU B 471 24.15 -30.93 -0.57
N ALA B 472 23.20 -30.54 -1.43
CA ALA B 472 21.90 -30.10 -0.93
C ALA B 472 21.20 -31.21 -0.18
N ASP B 473 21.27 -32.44 -0.71
CA ASP B 473 20.61 -33.56 -0.05
C ASP B 473 21.16 -33.76 1.35
N ILE B 474 22.49 -33.77 1.48
CA ILE B 474 23.08 -33.98 2.81
C ILE B 474 22.75 -32.81 3.73
N ILE B 475 22.85 -31.59 3.23
CA ILE B 475 22.69 -30.42 4.11
C ILE B 475 21.23 -30.06 4.34
N PHE B 476 20.35 -30.30 3.37
CA PHE B 476 18.96 -29.87 3.41
C PHE B 476 18.06 -31.08 3.67
N PRO B 477 17.77 -31.42 4.93
CA PRO B 477 16.93 -32.59 5.19
C PRO B 477 15.50 -32.39 4.71
N GLU B 478 14.89 -33.49 4.27
CA GLU B 478 13.53 -33.42 3.75
C GLU B 478 12.54 -33.03 4.84
N ARG B 479 12.76 -33.54 6.07
CA ARG B 479 11.85 -33.21 7.16
C ARG B 479 11.83 -31.71 7.42
N LEU B 480 13.01 -31.07 7.41
CA LEU B 480 13.06 -29.64 7.63
C LEU B 480 12.37 -28.88 6.51
N LEU B 481 12.54 -29.33 5.27
CA LEU B 481 11.86 -28.69 4.15
C LEU B 481 10.35 -28.78 4.31
N LYS B 482 9.85 -29.96 4.69
CA LYS B 482 8.41 -30.12 4.87
C LYS B 482 7.90 -29.26 6.02
N THR B 483 8.65 -29.21 7.13
CA THR B 483 8.23 -28.39 8.25
C THR B 483 8.16 -26.92 7.86
N LEU B 484 9.16 -26.44 7.11
CA LEU B 484 9.12 -25.06 6.64
C LEU B 484 7.95 -24.84 5.70
N GLN B 485 7.65 -25.82 4.84
CA GLN B 485 6.58 -25.68 3.87
C GLN B 485 5.19 -25.75 4.50
N GLN B 486 5.10 -26.04 5.79
CA GLN B 486 3.80 -26.25 6.43
C GLN B 486 2.84 -25.10 6.13
N GLY B 487 3.17 -23.90 6.62
CA GLY B 487 2.31 -22.75 6.43
C GLY B 487 3.07 -21.48 6.16
N LEU B 488 4.26 -21.61 5.59
CA LEU B 488 5.17 -20.48 5.44
C LEU B 488 4.65 -19.49 4.40
N PRO B 489 4.29 -19.91 3.19
CA PRO B 489 3.84 -18.93 2.19
C PRO B 489 2.57 -18.24 2.66
N ASP B 490 2.70 -16.94 2.95
CA ASP B 490 1.67 -16.18 3.64
C ASP B 490 1.16 -15.07 2.74
N PHE B 491 -0.15 -14.80 2.83
CA PHE B 491 -0.75 -13.77 1.99
C PHE B 491 -0.03 -12.45 2.21
N THR B 492 0.30 -11.79 1.10
CA THR B 492 0.99 -10.50 1.12
C THR B 492 0.12 -9.51 0.36
N SER B 493 -0.16 -8.37 0.97
CA SER B 493 -0.94 -7.34 0.31
C SER B 493 -0.02 -6.44 -0.52
N GLN B 494 -0.57 -5.94 -1.63
CA GLN B 494 0.21 -5.09 -2.51
C GLN B 494 0.86 -3.94 -1.75
N SER B 495 0.17 -3.41 -0.74
CA SER B 495 0.74 -2.31 0.03
C SER B 495 2.03 -2.74 0.74
N MET B 496 2.02 -3.94 1.33
CA MET B 496 3.23 -4.41 1.99
C MET B 496 4.36 -4.61 0.98
N LEU B 497 4.03 -5.13 -0.20
CA LEU B 497 5.05 -5.29 -1.23
C LEU B 497 5.64 -3.95 -1.62
N GLN B 498 4.80 -2.93 -1.78
CA GLN B 498 5.32 -1.61 -2.12
C GLN B 498 6.17 -1.04 -1.00
N ASN B 499 5.77 -1.29 0.25
CA ASN B 499 6.59 -0.84 1.38
C ASN B 499 7.96 -1.49 1.35
N PHE B 500 8.00 -2.79 1.07
CA PHE B 500 9.27 -3.49 0.98
C PHE B 500 10.10 -2.96 -0.17
N ARG B 501 9.41 -2.67 -1.29
CA ARG B 501 10.03 -2.12 -2.51
C ARG B 501 10.68 -0.78 -2.17
N ASN B 502 10.01 0.08 -1.39
CA ASN B 502 10.56 1.36 -0.96
C ASN B 502 11.72 1.16 -0.01
N PHE B 503 11.63 0.18 0.88
CA PHE B 503 12.75 -0.15 1.74
C PHE B 503 14.00 -0.44 0.92
N ILE B 504 13.87 -1.34 -0.05
CA ILE B 504 15.00 -1.71 -0.91
C ILE B 504 15.55 -0.46 -1.57
N LEU B 505 14.66 0.37 -2.13
CA LEU B 505 15.11 1.55 -2.84
C LEU B 505 15.88 2.50 -1.94
N GLU B 506 15.30 2.88 -0.79
CA GLU B 506 15.97 3.88 0.03
C GLU B 506 17.30 3.38 0.54
N ARG B 507 17.30 2.15 1.09
CA ARG B 507 18.52 1.59 1.72
C ARG B 507 19.61 1.53 0.67
N SER B 508 19.21 1.47 -0.60
CA SER B 508 20.20 1.35 -1.66
C SER B 508 20.60 2.69 -2.25
N GLY B 509 20.18 3.81 -1.65
CA GLY B 509 20.73 5.09 -2.03
C GLY B 509 20.00 5.83 -3.12
N ILE B 510 18.77 5.43 -3.45
CA ILE B 510 17.95 6.12 -4.43
C ILE B 510 16.71 6.65 -3.71
N LEU B 511 16.45 7.93 -3.87
CA LEU B 511 15.25 8.54 -3.33
C LEU B 511 14.02 7.91 -3.97
N PRO B 512 13.01 7.51 -3.19
CA PRO B 512 11.81 6.94 -3.81
C PRO B 512 11.03 7.93 -4.63
N ALA B 513 11.24 9.23 -4.44
CA ALA B 513 10.46 10.26 -5.12
C ALA B 513 11.16 10.83 -6.35
N THR B 514 12.30 10.28 -6.76
CA THR B 514 12.92 10.69 -8.01
C THR B 514 12.23 9.95 -9.17
N CYS B 515 10.92 10.15 -9.20
CA CYS B 515 10.02 9.54 -10.19
C CYS B 515 10.08 8.02 -10.05
N CYS B 516 9.83 7.31 -11.14
CA CYS B 516 9.65 5.86 -11.12
C CYS B 516 10.98 5.16 -10.91
N ALA B 517 10.95 4.06 -10.17
CA ALA B 517 12.14 3.22 -9.98
C ALA B 517 11.74 1.87 -9.41
N LEU B 518 12.10 0.78 -10.10
CA LEU B 518 11.76 -0.56 -9.66
C LEU B 518 13.02 -1.40 -9.51
N PRO B 519 13.20 -2.09 -8.40
CA PRO B 519 14.41 -2.91 -8.21
C PRO B 519 14.55 -4.00 -9.26
N SER B 520 13.42 -4.53 -9.73
CA SER B 520 13.46 -5.59 -10.72
C SER B 520 14.02 -5.13 -12.05
N ASP B 521 14.11 -3.82 -12.28
CA ASP B 521 14.68 -3.32 -13.51
C ASP B 521 16.20 -3.38 -13.51
N PHE B 522 16.82 -3.39 -12.34
CA PHE B 522 18.28 -3.45 -12.23
C PHE B 522 18.69 -4.89 -11.92
N VAL B 523 18.62 -5.74 -12.93
CA VAL B 523 18.96 -7.15 -12.81
C VAL B 523 19.03 -7.74 -14.21
N PRO B 524 19.95 -8.66 -14.48
CA PRO B 524 20.04 -9.26 -15.81
C PRO B 524 18.89 -10.22 -16.06
N ILE B 525 18.91 -10.83 -17.24
CA ILE B 525 17.84 -11.69 -17.70
C ILE B 525 18.30 -13.14 -17.79
N LYS B 526 19.27 -13.41 -18.68
CA LYS B 526 19.69 -14.82 -18.89
C LYS B 526 20.83 -15.15 -17.92
N TYR B 527 21.08 -16.45 -17.71
CA TYR B 527 22.16 -16.86 -16.77
C TYR B 527 23.51 -16.43 -17.37
N ARG B 528 23.71 -16.66 -18.67
CA ARG B 528 24.99 -16.32 -19.33
C ARG B 528 25.07 -14.81 -19.58
N GLU B 529 24.08 -14.05 -19.11
CA GLU B 529 24.10 -12.57 -19.23
C GLU B 529 24.32 -11.98 -17.83
N CYS B 530 24.60 -12.82 -16.83
CA CYS B 530 24.70 -12.29 -15.48
C CYS B 530 25.95 -12.82 -14.80
N PRO B 531 26.59 -12.05 -13.92
CA PRO B 531 27.72 -12.58 -13.15
C PRO B 531 27.28 -13.71 -12.24
N PRO B 532 28.13 -14.71 -12.02
CA PRO B 532 27.76 -15.85 -11.18
C PRO B 532 27.01 -15.42 -9.94
N PRO B 533 27.53 -14.42 -9.19
CA PRO B 533 26.90 -14.05 -7.92
C PRO B 533 25.38 -13.94 -7.97
N LEU B 534 24.87 -13.12 -8.89
CA LEU B 534 23.44 -12.83 -8.96
C LEU B 534 22.67 -13.89 -9.72
N TRP B 535 23.23 -15.09 -9.88
CA TRP B 535 22.54 -16.14 -10.60
C TRP B 535 21.27 -16.58 -9.87
N GLY B 536 21.29 -16.58 -8.54
CA GLY B 536 20.09 -16.87 -7.79
C GLY B 536 19.00 -15.88 -8.13
N HIS B 537 19.37 -14.61 -8.24
CA HIS B 537 18.42 -13.56 -8.59
C HIS B 537 17.87 -13.80 -9.99
N CYS B 538 18.74 -14.16 -10.93
CA CYS B 538 18.26 -14.48 -12.27
C CYS B 538 17.25 -15.62 -12.22
N TYR B 539 17.56 -16.67 -11.48
CA TYR B 539 16.64 -17.80 -11.37
C TYR B 539 15.31 -17.33 -10.81
N LEU B 540 15.37 -16.49 -9.78
CA LEU B 540 14.15 -15.96 -9.20
C LEU B 540 13.35 -15.19 -10.22
N LEU B 541 14.02 -14.38 -11.04
CA LEU B 541 13.31 -13.59 -12.04
C LEU B 541 12.65 -14.47 -13.10
N GLN B 542 13.37 -15.48 -13.57
CA GLN B 542 12.76 -16.40 -14.52
C GLN B 542 11.57 -17.12 -13.91
N LEU B 543 11.72 -17.56 -12.65
CA LEU B 543 10.61 -18.21 -11.96
C LEU B 543 9.42 -17.27 -11.84
N ALA B 544 9.68 -16.01 -11.51
CA ALA B 544 8.61 -15.04 -11.36
C ALA B 544 7.89 -14.82 -12.69
N ASN B 545 8.64 -14.70 -13.78
CA ASN B 545 8.01 -14.52 -15.08
C ASN B 545 7.18 -15.75 -15.44
N TYR B 546 7.70 -16.94 -15.17
CA TYR B 546 6.95 -18.16 -15.44
C TYR B 546 5.66 -18.20 -14.66
N LEU B 547 5.72 -17.89 -13.36
CA LEU B 547 4.51 -17.87 -12.56
C LEU B 547 3.54 -16.80 -13.07
N ALA B 548 4.05 -15.63 -13.39
CA ALA B 548 3.18 -14.53 -13.79
C ALA B 548 2.40 -14.88 -15.05
N TYR B 549 3.08 -15.46 -16.05
CA TYR B 549 2.36 -15.84 -17.25
C TYR B 549 1.53 -17.10 -17.05
N HIS B 550 1.93 -17.97 -16.11
CA HIS B 550 1.14 -19.15 -15.78
C HIS B 550 -0.20 -18.76 -15.17
N SER B 551 -0.20 -17.79 -14.25
CA SER B 551 -1.40 -17.41 -13.54
C SER B 551 -2.32 -16.53 -14.37
N ASP B 552 -2.02 -16.30 -15.65
CA ASP B 552 -2.82 -15.47 -16.54
C ASP B 552 -2.75 -14.00 -16.16
N ILE B 553 -2.00 -13.66 -15.11
CA ILE B 553 -1.90 -12.27 -14.65
C ILE B 553 -1.26 -11.37 -15.69
N MET B 554 -0.66 -11.92 -16.74
CA MET B 554 0.05 -11.12 -17.73
C MET B 554 1.09 -10.24 -17.06
N ARG B 568 -6.10 -17.12 -14.11
CA ARG B 568 -6.88 -18.37 -14.06
C ARG B 568 -5.95 -19.60 -14.06
N CYS B 569 -4.83 -19.62 -14.80
CA CYS B 569 -3.94 -20.82 -14.89
C CYS B 569 -4.84 -22.04 -15.08
N ASN B 570 -4.67 -23.12 -14.29
CA ASN B 570 -5.59 -24.29 -14.30
C ASN B 570 -6.37 -24.27 -12.98
N LEU B 571 -6.26 -23.20 -12.16
CA LEU B 571 -7.02 -23.15 -10.93
C LEU B 571 -8.46 -22.70 -11.16
N CYS B 572 -8.77 -22.14 -12.33
CA CYS B 572 -10.07 -21.55 -12.60
C CYS B 572 -10.82 -22.23 -13.74
N THR B 573 -10.17 -22.42 -14.88
CA THR B 573 -10.88 -22.86 -16.08
C THR B 573 -11.55 -24.22 -15.91
N PRO B 574 -10.89 -25.26 -15.37
CA PRO B 574 -11.47 -26.60 -15.45
C PRO B 574 -12.77 -26.77 -14.68
N HIS B 575 -12.78 -26.42 -13.40
CA HIS B 575 -13.92 -26.67 -12.53
C HIS B 575 -14.50 -25.39 -11.93
N ARG B 576 -13.65 -24.52 -11.40
CA ARG B 576 -14.12 -23.33 -10.69
C ARG B 576 -14.80 -22.32 -11.61
N SER B 577 -14.69 -22.49 -12.93
CA SER B 577 -15.30 -21.54 -13.86
C SER B 577 -16.77 -21.87 -14.04
N LEU B 578 -17.64 -20.91 -13.69
CA LEU B 578 -19.08 -21.13 -13.82
C LEU B 578 -19.48 -21.33 -15.28
N VAL B 579 -18.89 -20.55 -16.18
CA VAL B 579 -19.25 -20.65 -17.59
C VAL B 579 -18.95 -22.05 -18.12
N CYS B 580 -17.77 -22.58 -17.79
CA CYS B 580 -17.39 -23.90 -18.27
C CYS B 580 -18.12 -25.02 -17.53
N ASN B 581 -18.38 -24.85 -16.25
CA ASN B 581 -19.01 -25.87 -15.42
C ASN B 581 -20.50 -25.57 -15.33
N SER B 582 -21.32 -26.41 -15.98
CA SER B 582 -22.76 -26.20 -15.98
C SER B 582 -23.36 -26.47 -14.60
N GLN B 583 -22.89 -27.52 -13.93
CA GLN B 583 -23.46 -27.87 -12.62
C GLN B 583 -23.24 -26.75 -11.62
N LEU B 584 -22.04 -26.18 -11.59
CA LEU B 584 -21.76 -25.10 -10.66
C LEU B 584 -22.62 -23.88 -10.95
N LEU B 585 -22.80 -23.54 -12.23
CA LEU B 585 -23.66 -22.42 -12.58
C LEU B 585 -25.09 -22.66 -12.12
N SER B 586 -25.62 -23.85 -12.41
CA SER B 586 -26.99 -24.16 -12.02
C SER B 586 -27.14 -24.10 -10.50
N GLU B 587 -26.14 -24.59 -9.76
CA GLU B 587 -26.19 -24.49 -8.31
C GLU B 587 -26.19 -23.04 -7.87
N SER B 588 -25.39 -22.20 -8.53
CA SER B 588 -25.35 -20.79 -8.16
C SER B 588 -26.70 -20.12 -8.39
N GLN B 589 -27.38 -20.46 -9.49
CA GLN B 589 -28.63 -19.79 -9.82
C GLN B 589 -29.66 -19.92 -8.70
N ILE B 590 -29.57 -20.98 -7.90
CA ILE B 590 -30.54 -21.23 -6.83
C ILE B 590 -29.97 -20.84 -5.47
N ILE B 591 -28.98 -19.94 -5.43
CA ILE B 591 -28.24 -19.68 -4.20
C ILE B 591 -29.18 -19.20 -3.11
N GLY B 592 -30.15 -18.34 -3.44
CA GLY B 592 -30.96 -17.69 -2.43
C GLY B 592 -32.36 -18.24 -2.27
N THR B 593 -32.91 -18.85 -3.31
CA THR B 593 -34.31 -19.32 -3.30
C THR B 593 -34.37 -20.69 -2.65
N PHE B 594 -33.94 -20.75 -1.39
CA PHE B 594 -34.02 -21.98 -0.61
C PHE B 594 -34.82 -21.72 0.66
N GLU B 595 -35.52 -22.76 1.09
CA GLU B 595 -36.51 -22.63 2.16
C GLU B 595 -36.94 -23.99 2.67
N LEU B 596 -36.81 -24.25 3.98
CA LEU B 596 -37.18 -25.55 4.55
C LEU B 596 -37.45 -25.40 6.05
N GLN B 597 -38.73 -25.32 6.43
CA GLN B 597 -39.16 -25.45 7.81
C GLN B 597 -40.13 -26.62 7.91
N GLY B 598 -39.99 -27.42 8.98
CA GLY B 598 -40.79 -28.60 9.16
C GLY B 598 -41.24 -28.88 10.58
N PRO B 599 -41.39 -27.83 11.42
CA PRO B 599 -41.71 -28.16 12.81
C PRO B 599 -43.12 -28.71 12.98
N GLY B 609 -33.47 -23.12 10.13
CA GLY B 609 -33.18 -22.36 8.93
C GLY B 609 -33.24 -23.20 7.67
N LEU B 610 -32.18 -23.98 7.44
CA LEU B 610 -32.09 -24.83 6.25
C LEU B 610 -32.13 -24.00 4.97
N LYS B 611 -31.66 -22.76 5.04
CA LYS B 611 -31.60 -21.87 3.89
C LYS B 611 -30.15 -21.81 3.40
N LEU B 612 -29.95 -22.07 2.12
CA LEU B 612 -28.62 -22.10 1.55
C LEU B 612 -28.07 -20.68 1.46
N THR B 613 -27.38 -20.22 2.52
CA THR B 613 -26.93 -18.81 2.63
C THR B 613 -25.76 -18.55 1.68
N PRO B 614 -25.56 -17.33 1.13
CA PRO B 614 -24.39 -17.03 0.33
C PRO B 614 -23.12 -17.56 1.02
N GLY B 615 -22.87 -17.21 2.29
CA GLY B 615 -21.65 -17.58 3.04
C GLY B 615 -21.23 -19.04 2.95
N LEU B 616 -22.17 -20.00 2.98
CA LEU B 616 -21.86 -21.42 2.97
C LEU B 616 -21.43 -21.88 1.58
N TRP B 617 -22.15 -21.45 0.55
CA TRP B 617 -21.77 -21.82 -0.81
C TRP B 617 -20.40 -21.30 -1.15
N THR B 618 -20.10 -20.05 -0.76
CA THR B 618 -18.79 -19.49 -1.07
C THR B 618 -17.68 -20.22 -0.34
N SER B 619 -17.93 -20.63 0.90
CA SER B 619 -16.93 -21.42 1.62
C SER B 619 -16.68 -22.74 0.92
N ALA B 620 -17.75 -23.41 0.48
CA ALA B 620 -17.58 -24.67 -0.24
C ALA B 620 -16.82 -24.45 -1.54
N TYR B 621 -17.14 -23.38 -2.27
CA TYR B 621 -16.45 -23.08 -3.52
C TYR B 621 -14.97 -22.82 -3.28
N LEU B 622 -14.64 -22.05 -2.25
CA LEU B 622 -13.25 -21.72 -1.98
C LEU B 622 -12.46 -22.94 -1.56
N ARG B 623 -13.01 -23.75 -0.66
CA ARG B 623 -12.24 -24.89 -0.14
C ARG B 623 -11.90 -25.87 -1.26
N LYS B 624 -12.83 -26.12 -2.18
CA LYS B 624 -12.64 -27.17 -3.17
C LYS B 624 -11.43 -26.87 -4.05
N PHE B 625 -10.67 -27.91 -4.38
CA PHE B 625 -9.64 -27.82 -5.41
C PHE B 625 -9.34 -29.24 -5.88
N VAL B 626 -9.39 -29.47 -7.19
CA VAL B 626 -9.14 -30.80 -7.74
C VAL B 626 -7.64 -31.00 -7.84
N PRO B 627 -7.05 -31.97 -7.12
CA PRO B 627 -5.61 -32.19 -7.26
C PRO B 627 -5.18 -32.52 -8.68
N GLU B 628 -6.00 -33.28 -9.41
CA GLU B 628 -5.69 -33.61 -10.79
C GLU B 628 -6.15 -32.47 -11.71
N ASP B 629 -5.77 -32.57 -12.98
CA ASP B 629 -6.05 -31.57 -14.00
C ASP B 629 -5.28 -30.28 -13.77
N TYR B 630 -4.40 -30.24 -12.77
CA TYR B 630 -3.56 -29.08 -12.48
C TYR B 630 -2.14 -29.44 -12.89
N HIS B 631 -1.78 -29.11 -14.13
CA HIS B 631 -0.50 -29.48 -14.71
C HIS B 631 0.55 -28.46 -14.24
N ALA B 632 1.45 -28.91 -13.36
CA ALA B 632 2.46 -28.05 -12.79
C ALA B 632 3.79 -28.09 -13.54
N HIS B 633 3.85 -28.77 -14.69
CA HIS B 633 5.12 -28.92 -15.40
C HIS B 633 5.23 -27.95 -16.57
N GLU B 634 4.12 -27.56 -17.18
CA GLU B 634 4.15 -26.68 -18.34
C GLU B 634 2.85 -25.90 -18.39
N ILE B 635 2.78 -24.94 -19.31
CA ILE B 635 1.64 -24.05 -19.45
C ILE B 635 0.63 -24.71 -20.38
N ARG B 636 -0.52 -25.10 -19.84
CA ARG B 636 -1.52 -25.83 -20.61
C ARG B 636 -2.78 -25.02 -20.87
N PHE B 637 -3.31 -24.33 -19.87
CA PHE B 637 -4.48 -23.46 -20.05
C PHE B 637 -5.64 -24.23 -20.68
N TYR B 638 -6.15 -25.19 -19.89
CA TYR B 638 -7.33 -25.93 -20.31
C TYR B 638 -8.40 -24.97 -20.82
N GLU B 639 -9.24 -25.48 -21.72
CA GLU B 639 -10.21 -24.75 -22.55
C GLU B 639 -9.52 -24.11 -23.75
N ASP B 640 -8.20 -24.22 -23.85
CA ASP B 640 -7.49 -23.98 -25.11
C ASP B 640 -7.09 -25.28 -25.79
N GLN B 641 -6.87 -26.34 -25.00
CA GLN B 641 -6.65 -27.67 -25.55
C GLN B 641 -7.97 -28.26 -26.04
N SER B 642 -7.90 -29.05 -27.10
CA SER B 642 -9.07 -29.76 -27.62
C SER B 642 -9.11 -31.18 -27.04
N ARG B 643 -9.13 -31.24 -25.71
CA ARG B 643 -9.14 -32.51 -24.99
C ARG B 643 -10.13 -32.41 -23.83
N PRO B 644 -10.68 -33.54 -23.39
CA PRO B 644 -11.66 -33.50 -22.31
C PRO B 644 -10.98 -33.30 -20.96
N PRO B 645 -11.72 -32.88 -19.94
CA PRO B 645 -11.13 -32.70 -18.62
C PRO B 645 -10.77 -34.02 -17.96
N ASN B 646 -9.79 -33.96 -17.06
CA ASN B 646 -9.35 -35.17 -16.37
C ASN B 646 -10.47 -35.77 -15.52
N ALA B 647 -11.21 -34.92 -14.82
CA ALA B 647 -12.29 -35.36 -13.95
C ALA B 647 -13.56 -34.61 -14.29
N GLU B 648 -14.71 -35.26 -14.08
CA GLU B 648 -15.99 -34.66 -14.37
C GLU B 648 -16.24 -33.46 -13.46
N LEU B 649 -16.94 -32.47 -14.00
CA LEU B 649 -17.25 -31.27 -13.24
C LEU B 649 -18.44 -31.51 -12.33
N THR B 650 -18.31 -31.13 -11.06
CA THR B 650 -19.36 -31.32 -10.08
C THR B 650 -19.53 -30.04 -9.27
N ALA B 651 -20.74 -29.84 -8.75
CA ALA B 651 -21.02 -28.69 -7.92
C ALA B 651 -20.37 -28.83 -6.55
N CYS B 652 -20.30 -27.72 -5.83
CA CYS B 652 -19.57 -27.70 -4.56
C CYS B 652 -20.36 -28.36 -3.45
N VAL B 653 -21.53 -27.81 -3.12
CA VAL B 653 -22.31 -28.35 -2.00
C VAL B 653 -23.26 -29.44 -2.48
N ILE B 654 -24.09 -29.14 -3.48
CA ILE B 654 -25.05 -30.11 -3.99
C ILE B 654 -24.30 -31.16 -4.81
N THR B 655 -24.63 -32.42 -4.60
CA THR B 655 -24.00 -33.53 -5.32
C THR B 655 -24.97 -34.22 -6.26
N GLN B 656 -26.09 -34.71 -5.75
CA GLN B 656 -27.04 -35.41 -6.59
C GLN B 656 -27.70 -34.42 -7.55
N GLY B 657 -27.73 -34.79 -8.84
CA GLY B 657 -28.34 -33.94 -9.84
C GLY B 657 -29.86 -33.99 -9.87
N HIS B 658 -30.45 -35.08 -9.37
CA HIS B 658 -31.90 -35.18 -9.33
C HIS B 658 -32.50 -34.06 -8.48
N ILE B 659 -31.96 -33.85 -7.29
CA ILE B 659 -32.46 -32.80 -6.41
C ILE B 659 -32.30 -31.44 -7.07
N LEU B 660 -31.18 -31.20 -7.74
CA LEU B 660 -30.99 -29.94 -8.43
C LEU B 660 -32.05 -29.74 -9.51
N GLY B 661 -32.36 -30.81 -10.25
CA GLY B 661 -33.43 -30.72 -11.23
C GLY B 661 -34.75 -30.37 -10.59
N GLN B 662 -35.05 -30.98 -9.45
CA GLN B 662 -36.31 -30.67 -8.77
C GLN B 662 -36.35 -29.21 -8.33
N LEU B 663 -35.25 -28.71 -7.77
CA LEU B 663 -35.22 -27.32 -7.34
C LEU B 663 -35.38 -26.38 -8.52
N GLN B 664 -34.73 -26.69 -9.64
CA GLN B 664 -34.91 -25.89 -10.85
C GLN B 664 -36.37 -25.90 -11.28
N ALA B 665 -37.01 -27.07 -11.22
CA ALA B 665 -38.40 -27.17 -11.63
C ALA B 665 -39.30 -26.32 -10.75
N ILE B 666 -39.10 -26.37 -9.44
CA ILE B 666 -39.95 -25.58 -8.53
C ILE B 666 -39.71 -24.09 -8.80
N ASN B 667 -38.45 -23.70 -9.03
CA ASN B 667 -38.17 -22.30 -9.31
C ASN B 667 -38.87 -21.85 -10.58
N LYS B 668 -38.83 -22.68 -11.62
CA LYS B 668 -39.48 -22.31 -12.87
C LYS B 668 -40.99 -22.20 -12.69
N ALA B 669 -41.59 -23.13 -11.95
CA ALA B 669 -43.02 -23.04 -11.68
C ALA B 669 -43.36 -21.79 -10.89
N ARG B 670 -42.51 -21.47 -9.90
CA ARG B 670 -42.68 -20.24 -9.15
C ARG B 670 -42.74 -19.04 -10.08
N GLN B 671 -41.75 -18.93 -10.96
CA GLN B 671 -41.65 -17.76 -11.83
C GLN B 671 -42.84 -17.70 -12.78
N GLU B 672 -43.25 -18.84 -13.34
CA GLU B 672 -44.35 -18.82 -14.29
C GLU B 672 -45.67 -18.48 -13.61
N PHE B 673 -45.88 -18.97 -12.39
CA PHE B 673 -47.06 -18.58 -11.64
C PHE B 673 -47.07 -17.09 -11.35
N LEU B 674 -45.92 -16.55 -10.95
CA LEU B 674 -45.85 -15.13 -10.65
C LEU B 674 -46.17 -14.30 -11.87
N LEU B 675 -45.68 -14.74 -13.04
CA LEU B 675 -46.03 -14.04 -14.28
C LEU B 675 -47.52 -14.17 -14.58
N ARG B 676 -48.09 -15.36 -14.38
CA ARG B 676 -49.52 -15.63 -14.72
C ARG B 676 -50.46 -14.81 -13.82
N LYS B 677 -50.13 -14.61 -12.54
CA LYS B 677 -51.04 -13.99 -11.59
C LYS B 677 -50.35 -12.90 -10.76
N GLY B 678 -49.26 -12.33 -11.27
CA GLY B 678 -48.57 -11.31 -10.51
C GLY B 678 -49.45 -10.11 -10.21
N ARG B 679 -50.13 -9.59 -11.22
CA ARG B 679 -51.00 -8.44 -11.02
C ARG B 679 -52.23 -8.77 -10.19
N GLY B 680 -52.62 -10.04 -10.12
CA GLY B 680 -53.96 -10.37 -9.69
C GLY B 680 -54.89 -10.17 -10.86
N VAL B 681 -56.03 -10.83 -10.87
CA VAL B 681 -56.94 -10.83 -12.02
C VAL B 681 -58.32 -10.44 -11.55
N TYR B 682 -58.99 -9.61 -12.33
CA TYR B 682 -60.40 -9.28 -12.14
C TYR B 682 -61.23 -10.23 -12.99
N LEU B 683 -62.20 -10.88 -12.37
CA LEU B 683 -63.10 -11.78 -13.04
C LEU B 683 -64.54 -11.40 -12.73
N ASP B 684 -65.41 -11.67 -13.69
CA ASP B 684 -66.77 -11.13 -13.62
C ASP B 684 -67.43 -11.58 -12.32
N PRO B 685 -68.19 -10.71 -11.66
CA PRO B 685 -68.85 -11.14 -10.41
C PRO B 685 -69.95 -12.16 -10.65
N GLN B 686 -70.84 -11.87 -11.60
CA GLN B 686 -71.95 -12.78 -11.86
C GLN B 686 -71.46 -14.09 -12.45
N SER B 687 -70.83 -14.03 -13.62
CA SER B 687 -70.21 -15.19 -14.22
C SER B 687 -68.81 -15.36 -13.63
N GLY B 688 -67.98 -16.19 -14.27
CA GLY B 688 -66.66 -16.46 -13.74
C GLY B 688 -65.52 -16.35 -14.75
N GLU B 689 -65.67 -15.50 -15.75
CA GLU B 689 -64.64 -15.31 -16.75
C GLU B 689 -63.70 -14.19 -16.31
N GLU B 690 -62.51 -14.18 -16.90
CA GLU B 690 -61.49 -13.19 -16.57
C GLU B 690 -61.73 -11.93 -17.37
N LEU B 691 -61.75 -10.79 -16.69
CA LEU B 691 -61.96 -9.50 -17.35
C LEU B 691 -60.70 -8.92 -17.97
N ASN B 692 -59.53 -9.36 -17.53
CA ASN B 692 -58.27 -8.87 -18.07
C ASN B 692 -57.34 -10.04 -18.32
N PRO B 693 -57.75 -11.03 -19.11
CA PRO B 693 -56.92 -12.22 -19.31
C PRO B 693 -55.69 -11.87 -20.15
N ILE B 694 -54.56 -12.45 -19.78
CA ILE B 694 -53.30 -12.31 -20.51
C ILE B 694 -52.90 -13.68 -21.03
N PRO B 695 -52.64 -13.85 -22.33
CA PRO B 695 -52.31 -15.18 -22.85
C PRO B 695 -50.87 -15.59 -22.58
#